data_5TG9
#
_entry.id   5TG9
#
_cell.length_a   116.677
_cell.length_b   116.677
_cell.length_c   129.108
_cell.angle_alpha   90.00
_cell.angle_beta   90.00
_cell.angle_gamma   120.00
#
_symmetry.space_group_name_H-M   'P 3'
#
loop_
_entity.id
_entity.type
_entity.pdbx_description
1 polymer Hemagglutinin
2 polymer 'Hemagglutinin HA2 chain'
3 branched 2-acetamido-2-deoxy-beta-D-glucopyranose-(1-4)-2-acetamido-2-deoxy-beta-D-glucopyranose
4 branched 'N-acetyl-alpha-neuraminic acid-(2-3)-beta-D-galactopyranose'
5 branched 'N-acetyl-alpha-neuraminic acid-(2-3)-beta-D-galactopyranose-(1-4)-2-acetamido-2-deoxy-beta-D-glucopyranose'
6 non-polymer 2-acetamido-2-deoxy-beta-D-glucopyranose
7 water water
#
loop_
_entity_poly.entity_id
_entity_poly.type
_entity_poly.pdbx_seq_one_letter_code
_entity_poly.pdbx_strand_id
1 'polypeptide(L)'
;ADPGDKICLGHHAVANGTKVNTLTERGVEVVNATETVEITGIDKVCTKGKKAVDLGSCGILGTIIGPPQCDLHLEFKADL
IIERRNSSDICYPGRFTNEEALRQIIRESGGIDKESMGFRYSGIRTDGATSACKRTVSSFYSEMKWLSSSMNNQVFPQLN
QTYRNTRKEPALIVWGVHHSSSLDEQNKLYGTGNKLITVGSSKYQQSFSPSPGARPKVNGQAGRIDFHWMLLDPGDTVTF
TFNGAFIAPDRATFLRSNAPSGIEYNGKSLGIQSDAQIDESCEGECFYSGGTINSPLPFQNIDSRAVGKCPRYVKQSSLP
LALGMKNVPEKI
;
A,C
2 'polypeptide(L)'
;RTRGLFGAIAGFIENGWEGLIDGWYGFRHQNAQGQGTAADYKSTQAAIDQITGKLNRLIEKTNKQFELIDNEFTEVEQQI
GNVINWTRDSLTEIWSYNAELLVAMENQHTIDLADSEMNKLYERVRRQLRENAEEDGTGCFEIFHRCDDQCMESIRNNTY
NHTEYRQEALQNRIMINPVSGGGGLNDIFEAQK
;
B,D
#
# COMPACT_ATOMS: atom_id res chain seq x y z
N ASP A 5 -75.10 -43.91 36.26
CA ASP A 5 -75.22 -44.56 34.95
C ASP A 5 -73.92 -44.86 34.09
N LYS A 6 -73.11 -43.88 33.69
CA LYS A 6 -72.01 -44.25 32.77
C LYS A 6 -70.75 -43.37 32.80
N ILE A 7 -69.57 -43.97 32.66
CA ILE A 7 -68.35 -43.16 32.58
C ILE A 7 -67.47 -43.57 31.41
N CYS A 8 -67.00 -42.57 30.65
CA CYS A 8 -66.09 -42.75 29.50
C CYS A 8 -64.65 -42.29 29.77
N LEU A 9 -63.69 -42.96 29.15
CA LEU A 9 -62.35 -42.42 29.16
C LEU A 9 -61.99 -41.80 27.82
N GLY A 10 -61.16 -40.77 27.84
CA GLY A 10 -60.81 -40.11 26.59
C GLY A 10 -59.58 -39.24 26.64
N HIS A 11 -59.21 -38.72 25.47
CA HIS A 11 -58.03 -37.91 25.29
C HIS A 11 -58.41 -36.70 24.47
N HIS A 12 -57.58 -35.65 24.48
CA HIS A 12 -57.96 -34.42 23.78
C HIS A 12 -57.76 -34.56 22.30
N ALA A 13 -58.32 -33.59 21.59
CA ALA A 13 -58.13 -33.46 20.15
C ALA A 13 -58.18 -31.98 19.80
N VAL A 14 -57.70 -31.62 18.62
CA VAL A 14 -57.85 -30.24 18.15
C VAL A 14 -58.43 -30.31 16.74
N ALA A 15 -58.95 -29.20 16.21
CA ALA A 15 -59.59 -29.22 14.89
C ALA A 15 -58.60 -29.49 13.73
N ASN A 16 -57.58 -28.65 13.56
CA ASN A 16 -56.46 -29.02 12.67
C ASN A 16 -55.11 -29.22 13.42
N GLY A 17 -54.49 -30.38 13.20
CA GLY A 17 -53.18 -30.65 13.78
C GLY A 17 -52.12 -30.63 12.71
N THR A 18 -50.85 -30.89 13.07
CA THR A 18 -49.80 -30.87 12.05
C THR A 18 -49.32 -32.26 11.64
N LYS A 19 -49.03 -32.41 10.36
CA LYS A 19 -48.56 -33.68 9.84
C LYS A 19 -47.07 -33.91 10.17
N VAL A 20 -46.78 -35.11 10.71
CA VAL A 20 -45.44 -35.58 10.91
C VAL A 20 -45.32 -36.90 10.19
N ASN A 21 -44.12 -37.50 10.23
CA ASN A 21 -43.86 -38.81 9.65
C ASN A 21 -43.29 -39.74 10.69
N THR A 22 -43.65 -41.00 10.56
CA THR A 22 -43.14 -42.04 11.47
C THR A 22 -42.31 -42.97 10.63
N LEU A 23 -41.83 -44.07 11.20
CA LEU A 23 -41.13 -45.10 10.43
C LEU A 23 -42.14 -45.74 9.49
N THR A 24 -43.26 -46.23 10.07
CA THR A 24 -44.36 -46.85 9.31
C THR A 24 -45.06 -45.96 8.25
N GLU A 25 -45.42 -44.74 8.61
CA GLU A 25 -46.39 -43.97 7.82
C GLU A 25 -46.02 -42.50 7.60
N ARG A 26 -46.59 -41.93 6.56
CA ARG A 26 -46.27 -40.58 6.14
C ARG A 26 -47.47 -39.65 6.31
N GLY A 27 -47.33 -38.58 7.06
CA GLY A 27 -48.39 -37.59 7.16
C GLY A 27 -49.39 -37.84 8.28
N VAL A 28 -48.98 -38.63 9.26
CA VAL A 28 -49.78 -38.79 10.46
C VAL A 28 -50.06 -37.45 11.13
N GLU A 29 -51.31 -37.17 11.46
CA GLU A 29 -51.65 -35.90 12.04
C GLU A 29 -51.55 -35.95 13.57
N VAL A 30 -50.74 -35.10 14.20
CA VAL A 30 -50.66 -35.08 15.66
C VAL A 30 -51.22 -33.76 16.21
N VAL A 31 -51.31 -33.63 17.54
CA VAL A 31 -51.87 -32.43 18.18
C VAL A 31 -50.90 -31.25 18.17
N ASN A 32 -49.62 -31.54 18.41
CA ASN A 32 -48.56 -30.55 18.54
C ASN A 32 -47.24 -31.00 17.87
N ALA A 33 -46.52 -30.07 17.23
CA ALA A 33 -45.24 -30.41 16.64
C ALA A 33 -44.28 -29.23 16.63
N THR A 34 -43.00 -29.53 16.43
CA THR A 34 -41.92 -28.55 16.36
C THR A 34 -40.93 -28.93 15.28
N GLU A 35 -40.36 -27.94 14.63
CA GLU A 35 -39.35 -28.16 13.58
C GLU A 35 -38.06 -28.60 14.23
N THR A 36 -37.23 -29.32 13.49
CA THR A 36 -35.95 -29.72 14.05
C THR A 36 -34.78 -29.21 13.24
N VAL A 37 -35.03 -28.79 12.00
CA VAL A 37 -33.99 -28.29 11.09
C VAL A 37 -33.97 -26.75 11.02
N GLU A 38 -32.85 -26.16 11.42
CA GLU A 38 -32.75 -24.70 11.43
C GLU A 38 -32.44 -24.21 10.03
N ILE A 39 -33.25 -23.30 9.48
CA ILE A 39 -33.01 -22.81 8.11
C ILE A 39 -32.59 -21.36 8.11
N THR A 40 -32.75 -20.69 9.24
CA THR A 40 -32.51 -19.26 9.34
C THR A 40 -31.32 -18.92 10.24
N GLY A 41 -30.31 -18.30 9.65
CA GLY A 41 -29.13 -17.84 10.37
C GLY A 41 -29.15 -16.37 10.82
N ILE A 42 -28.20 -15.99 11.67
CA ILE A 42 -28.02 -14.60 12.08
C ILE A 42 -26.95 -13.89 11.24
N ASP A 43 -27.33 -12.96 10.36
CA ASP A 43 -26.35 -12.44 9.38
C ASP A 43 -25.31 -11.51 10.00
N LYS A 44 -24.71 -11.94 11.11
CA LYS A 44 -23.65 -11.22 11.80
C LYS A 44 -22.74 -12.26 12.47
N VAL A 45 -21.45 -11.96 12.69
CA VAL A 45 -20.59 -12.84 13.51
C VAL A 45 -20.83 -12.44 14.96
N CYS A 46 -21.36 -13.33 15.80
CA CYS A 46 -21.78 -12.96 17.16
C CYS A 46 -20.71 -13.20 18.19
N THR A 47 -20.03 -12.17 18.63
CA THR A 47 -18.85 -12.37 19.44
C THR A 47 -19.07 -12.06 20.90
N LYS A 48 -20.30 -12.07 21.38
CA LYS A 48 -20.54 -11.63 22.74
C LYS A 48 -19.87 -12.55 23.74
N GLY A 49 -18.95 -11.99 24.51
CA GLY A 49 -18.26 -12.74 25.54
C GLY A 49 -17.06 -13.48 25.02
N LYS A 50 -16.71 -13.19 23.78
CA LYS A 50 -15.49 -13.71 23.17
C LYS A 50 -14.54 -12.56 22.77
N LYS A 51 -13.25 -12.85 22.75
CA LYS A 51 -12.30 -11.88 22.25
C LYS A 51 -12.13 -12.12 20.75
N ALA A 52 -12.63 -11.20 19.92
CA ALA A 52 -12.54 -11.39 18.47
C ALA A 52 -11.61 -10.38 17.79
N VAL A 53 -10.95 -10.77 16.71
CA VAL A 53 -10.27 -9.82 15.83
C VAL A 53 -10.78 -9.98 14.41
N ASP A 54 -11.22 -8.87 13.83
CA ASP A 54 -11.57 -8.81 12.43
C ASP A 54 -10.29 -8.43 11.71
N LEU A 55 -9.76 -9.29 10.86
CA LEU A 55 -8.49 -8.97 10.23
C LEU A 55 -8.73 -8.02 9.05
N GLY A 56 -9.98 -7.94 8.61
CA GLY A 56 -10.31 -7.08 7.50
C GLY A 56 -9.43 -7.42 6.33
N SER A 57 -8.75 -6.40 5.78
CA SER A 57 -7.87 -6.52 4.61
C SER A 57 -6.61 -7.35 4.83
N CYS A 58 -6.27 -7.57 6.09
CA CYS A 58 -5.07 -8.30 6.48
C CYS A 58 -5.28 -9.80 6.31
N GLY A 59 -4.59 -10.45 5.39
CA GLY A 59 -4.62 -11.89 5.31
C GLY A 59 -3.95 -12.40 6.55
N ILE A 60 -4.34 -13.57 7.06
CA ILE A 60 -3.83 -14.03 8.34
C ILE A 60 -2.30 -14.36 8.31
N LEU A 61 -1.76 -14.76 7.17
CA LEU A 61 -0.34 -15.08 7.16
C LEU A 61 0.48 -13.79 7.28
N GLY A 62 -0.14 -12.67 6.89
CA GLY A 62 0.46 -11.36 7.02
C GLY A 62 0.80 -10.91 8.43
N THR A 63 0.17 -11.51 9.45
CA THR A 63 0.38 -11.09 10.83
C THR A 63 1.75 -11.55 11.34
N ILE A 64 2.36 -12.46 10.57
CA ILE A 64 3.69 -13.01 10.88
C ILE A 64 4.81 -12.16 10.28
N ILE A 65 4.70 -11.84 8.99
CA ILE A 65 5.74 -11.08 8.28
C ILE A 65 5.49 -9.56 8.33
N GLY A 66 4.23 -9.13 8.20
CA GLY A 66 3.89 -7.75 8.48
C GLY A 66 3.95 -6.75 7.35
N PRO A 67 3.05 -6.91 6.37
CA PRO A 67 2.83 -5.94 5.30
C PRO A 67 2.14 -4.74 5.91
N PRO A 68 2.03 -3.60 5.19
CA PRO A 68 1.33 -2.43 5.72
C PRO A 68 -0.07 -2.70 6.26
N GLN A 69 -0.87 -3.49 5.56
CA GLN A 69 -2.26 -3.75 5.97
C GLN A 69 -2.42 -4.58 7.27
N CYS A 70 -1.34 -5.19 7.75
CA CYS A 70 -1.42 -6.00 8.95
C CYS A 70 -0.80 -5.29 10.11
N ASP A 71 -0.65 -3.98 10.00
CA ASP A 71 0.15 -3.27 10.99
C ASP A 71 -0.47 -3.32 12.39
N LEU A 72 -1.79 -3.45 12.47
CA LEU A 72 -2.48 -3.46 13.78
C LEU A 72 -2.62 -4.84 14.43
N HIS A 73 -2.11 -5.87 13.77
CA HIS A 73 -2.29 -7.25 14.20
C HIS A 73 -0.99 -8.02 14.34
N LEU A 74 0.15 -7.34 14.52
CA LEU A 74 1.44 -8.05 14.53
C LEU A 74 1.55 -8.92 15.78
N GLU A 75 1.10 -8.38 16.89
CA GLU A 75 0.84 -9.16 18.09
C GLU A 75 -0.66 -9.00 18.31
N PHE A 76 -1.37 -10.10 18.48
CA PHE A 76 -2.80 -10.00 18.68
C PHE A 76 -3.25 -11.17 19.53
N LYS A 77 -4.41 -11.02 20.14
CA LYS A 77 -4.88 -11.99 21.10
C LYS A 77 -6.34 -12.24 20.84
N ALA A 78 -6.68 -13.48 20.55
CA ALA A 78 -8.04 -13.74 20.11
C ALA A 78 -8.50 -15.16 20.35
N ASP A 79 -9.75 -15.28 20.77
CA ASP A 79 -10.48 -16.55 20.84
C ASP A 79 -11.07 -16.84 19.47
N LEU A 80 -11.53 -15.76 18.83
CA LEU A 80 -12.16 -15.88 17.53
C LEU A 80 -11.45 -15.00 16.49
N ILE A 81 -10.95 -15.62 15.43
CA ILE A 81 -10.24 -14.95 14.38
C ILE A 81 -11.04 -14.96 13.08
N ILE A 82 -11.48 -13.79 12.62
CA ILE A 82 -12.25 -13.62 11.37
C ILE A 82 -11.39 -13.20 10.12
N GLU A 83 -11.27 -14.08 9.13
CA GLU A 83 -10.61 -13.78 7.86
C GLU A 83 -11.61 -13.20 6.87
N ARG A 84 -11.18 -12.28 6.02
CA ARG A 84 -12.07 -11.75 5.00
C ARG A 84 -11.65 -12.19 3.62
N ARG A 85 -12.49 -11.91 2.63
CA ARG A 85 -12.23 -12.41 1.28
C ARG A 85 -11.14 -11.65 0.54
N ASN A 86 -11.26 -10.32 0.48
CA ASN A 86 -10.33 -9.58 -0.35
C ASN A 86 -8.92 -9.49 0.25
N SER A 87 -8.74 -10.07 1.43
CA SER A 87 -7.48 -10.05 2.18
C SER A 87 -6.25 -10.49 1.40
N SER A 88 -5.11 -9.94 1.76
CA SER A 88 -3.84 -10.29 1.14
C SER A 88 -2.79 -10.54 2.21
N ASP A 89 -2.02 -11.62 2.07
CA ASP A 89 -0.99 -11.93 3.06
C ASP A 89 0.33 -11.23 2.76
N ILE A 90 0.45 -10.62 1.59
CA ILE A 90 1.69 -9.99 1.17
C ILE A 90 1.50 -8.68 0.42
N CYS A 91 2.59 -7.93 0.28
CA CYS A 91 2.60 -6.69 -0.49
C CYS A 91 3.48 -6.86 -1.76
N TYR A 92 4.77 -7.09 -1.53
CA TYR A 92 5.71 -7.54 -2.56
C TYR A 92 5.31 -8.95 -3.01
N PRO A 93 5.02 -9.11 -4.32
CA PRO A 93 4.44 -10.35 -4.87
C PRO A 93 5.28 -11.60 -4.56
N GLY A 94 4.61 -12.73 -4.41
CA GLY A 94 5.22 -13.97 -3.97
C GLY A 94 4.26 -14.71 -3.07
N ARG A 95 4.59 -15.94 -2.68
CA ARG A 95 3.72 -16.73 -1.81
C ARG A 95 4.46 -17.59 -0.76
N PHE A 96 3.70 -18.07 0.23
CA PHE A 96 4.21 -18.96 1.27
C PHE A 96 4.30 -20.43 0.83
N THR A 97 5.34 -21.10 1.30
CA THR A 97 5.48 -22.53 1.05
C THR A 97 4.65 -23.28 2.06
N ASN A 98 3.82 -24.23 1.60
CA ASN A 98 2.96 -25.00 2.49
C ASN A 98 2.09 -24.03 3.32
N GLU A 99 1.33 -23.18 2.60
CA GLU A 99 0.65 -22.07 3.24
C GLU A 99 -0.51 -22.57 4.07
N GLU A 100 -1.38 -23.36 3.44
CA GLU A 100 -2.61 -23.82 4.04
C GLU A 100 -2.38 -24.48 5.39
N ALA A 101 -1.20 -25.02 5.61
CA ALA A 101 -0.91 -25.66 6.89
C ALA A 101 -0.35 -24.68 7.90
N LEU A 102 0.08 -23.50 7.44
CA LEU A 102 0.56 -22.45 8.34
C LEU A 102 -0.62 -21.62 8.79
N ARG A 103 -1.60 -21.45 7.92
CA ARG A 103 -2.84 -20.81 8.30
C ARG A 103 -3.53 -21.55 9.45
N GLN A 104 -3.86 -22.84 9.24
CA GLN A 104 -4.54 -23.65 10.24
C GLN A 104 -3.85 -23.59 11.58
N ILE A 105 -2.55 -23.30 11.59
CA ILE A 105 -1.80 -23.15 12.83
C ILE A 105 -2.12 -21.83 13.54
N ILE A 106 -2.08 -20.72 12.80
CA ILE A 106 -2.28 -19.36 13.35
C ILE A 106 -3.76 -19.19 13.74
N ARG A 107 -4.63 -19.88 13.00
CA ARG A 107 -6.07 -19.84 13.27
C ARG A 107 -6.43 -20.38 14.62
N GLU A 108 -5.66 -21.34 15.14
CA GLU A 108 -6.02 -21.99 16.40
C GLU A 108 -5.02 -21.72 17.51
N SER A 109 -4.25 -20.64 17.35
CA SER A 109 -3.20 -20.22 18.29
C SER A 109 -3.70 -19.45 19.52
N GLY A 110 -4.81 -18.76 19.36
CA GLY A 110 -5.23 -17.83 20.38
C GLY A 110 -4.61 -16.45 20.23
N GLY A 111 -3.96 -16.22 19.10
CA GLY A 111 -3.15 -15.03 18.88
C GLY A 111 -1.67 -15.36 18.83
N ILE A 112 -0.87 -14.41 18.36
CA ILE A 112 0.58 -14.62 18.26
C ILE A 112 1.33 -13.59 19.06
N ASP A 113 2.41 -14.03 19.68
CA ASP A 113 3.33 -13.11 20.35
C ASP A 113 4.59 -12.96 19.50
N LYS A 114 5.25 -11.81 19.57
CA LYS A 114 6.48 -11.58 18.80
C LYS A 114 7.67 -11.20 19.67
N GLU A 115 8.82 -11.79 19.37
CA GLU A 115 10.07 -11.42 20.03
C GLU A 115 11.21 -11.29 19.03
N SER A 116 12.14 -10.37 19.30
CA SER A 116 13.31 -10.12 18.44
C SER A 116 14.28 -11.29 18.47
N MET A 117 14.69 -11.75 17.29
CA MET A 117 15.64 -12.87 17.14
C MET A 117 17.12 -12.48 17.29
N GLY A 118 17.41 -11.24 17.67
CA GLY A 118 18.76 -10.80 18.02
C GLY A 118 19.76 -10.44 16.92
N PHE A 119 19.45 -10.78 15.66
CA PHE A 119 20.40 -10.62 14.55
C PHE A 119 20.91 -9.18 14.37
N ARG A 120 22.23 -9.02 14.28
CA ARG A 120 22.86 -7.77 13.84
C ARG A 120 23.68 -7.99 12.56
N TYR A 121 24.05 -6.90 11.89
CA TYR A 121 24.69 -6.99 10.57
C TYR A 121 25.89 -6.05 10.40
N SER A 122 26.72 -6.30 9.37
CA SER A 122 27.94 -5.52 9.10
C SER A 122 28.31 -5.37 7.61
N GLY A 123 28.36 -4.14 7.10
CA GLY A 123 28.82 -3.90 5.73
C GLY A 123 27.87 -4.37 4.64
N ILE A 124 26.58 -4.39 4.99
CA ILE A 124 25.49 -4.86 4.16
C ILE A 124 24.50 -3.71 4.07
N ARG A 125 23.70 -3.65 3.03
CA ARG A 125 22.45 -2.89 3.14
C ARG A 125 21.35 -3.80 3.73
N THR A 126 20.75 -3.35 4.84
CA THR A 126 19.70 -4.08 5.52
C THR A 126 18.36 -3.36 5.45
N ASP A 127 18.34 -2.17 4.87
CA ASP A 127 17.15 -1.33 4.85
C ASP A 127 16.45 -1.30 3.50
N GLY A 128 16.62 -2.37 2.74
CA GLY A 128 15.93 -2.51 1.46
C GLY A 128 14.43 -2.31 1.57
N ALA A 129 13.87 -1.61 0.58
CA ALA A 129 12.48 -1.21 0.54
C ALA A 129 11.91 -1.43 -0.86
N THR A 130 10.62 -1.12 -1.02
CA THR A 130 9.85 -1.38 -2.23
C THR A 130 8.55 -0.57 -2.32
N SER A 131 8.23 -0.06 -3.51
CA SER A 131 7.02 0.71 -3.72
C SER A 131 5.78 -0.18 -3.51
N ALA A 132 6.05 -1.48 -3.39
CA ALA A 132 5.02 -2.48 -3.14
C ALA A 132 4.53 -2.48 -1.69
N CYS A 133 5.43 -2.13 -0.76
CA CYS A 133 5.09 -2.00 0.66
C CYS A 133 5.18 -0.51 0.96
N LYS A 134 4.07 0.21 0.81
CA LYS A 134 4.18 1.65 0.98
C LYS A 134 3.59 1.89 2.36
N ARG A 135 4.24 2.73 3.14
CA ARG A 135 3.63 3.33 4.31
C ARG A 135 3.62 4.82 4.10
N THR A 136 4.39 5.55 4.89
CA THR A 136 4.59 6.96 4.60
C THR A 136 5.39 7.07 3.31
N VAL A 137 6.38 6.20 3.19
CA VAL A 137 7.25 6.11 2.02
C VAL A 137 7.47 4.62 1.71
N SER A 138 8.15 4.29 0.62
CA SER A 138 8.44 2.89 0.30
C SER A 138 9.08 2.23 1.50
N SER A 139 8.65 1.01 1.76
CA SER A 139 8.94 0.36 3.02
C SER A 139 9.07 -1.12 2.74
N PHE A 140 8.82 -1.93 3.75
CA PHE A 140 8.98 -3.37 3.61
C PHE A 140 8.34 -4.05 4.83
N TYR A 141 8.10 -5.35 4.72
CA TYR A 141 7.68 -6.19 5.82
C TYR A 141 8.28 -5.79 7.18
N SER A 142 7.40 -5.38 8.07
CA SER A 142 7.73 -4.86 9.39
C SER A 142 8.53 -5.84 10.27
N GLU A 143 8.46 -7.16 9.99
CA GLU A 143 9.15 -8.17 10.79
C GLU A 143 10.34 -8.82 10.06
N MET A 144 10.63 -8.35 8.84
CA MET A 144 11.72 -8.87 8.01
C MET A 144 12.73 -7.79 7.60
N LYS A 145 13.96 -8.19 7.31
CA LYS A 145 14.95 -7.27 6.72
C LYS A 145 15.41 -7.73 5.33
N TRP A 146 15.36 -6.84 4.37
CA TRP A 146 15.90 -7.14 3.04
C TRP A 146 17.40 -6.86 2.99
N LEU A 147 18.18 -7.88 2.67
CA LEU A 147 19.65 -7.78 2.72
C LEU A 147 20.32 -7.72 1.33
N SER A 148 20.91 -6.56 1.02
CA SER A 148 21.59 -6.33 -0.26
C SER A 148 23.08 -5.90 -0.05
N SER A 149 23.80 -5.64 -1.14
CA SER A 149 25.27 -5.53 -1.07
C SER A 149 25.87 -4.28 -0.40
N SER A 150 25.16 -3.15 -0.46
CA SER A 150 25.54 -1.82 0.10
C SER A 150 26.25 -0.95 -0.93
N MET A 151 26.72 -1.59 -1.98
CA MET A 151 27.17 -0.91 -3.19
C MET A 151 26.73 -1.77 -4.36
N ASN A 152 26.11 -1.15 -5.35
CA ASN A 152 25.68 -1.87 -6.54
C ASN A 152 26.78 -2.74 -7.18
N ASN A 153 26.39 -3.93 -7.61
CA ASN A 153 27.25 -4.91 -8.27
C ASN A 153 28.40 -5.44 -7.46
N GLN A 154 28.58 -4.93 -6.23
CA GLN A 154 29.47 -5.56 -5.26
C GLN A 154 28.92 -6.96 -4.96
N VAL A 155 29.80 -7.94 -4.81
CA VAL A 155 29.38 -9.30 -4.47
C VAL A 155 29.05 -9.36 -2.98
N PHE A 156 28.04 -10.15 -2.64
CA PHE A 156 27.52 -10.22 -1.29
C PHE A 156 28.28 -11.27 -0.47
N PRO A 157 28.64 -10.94 0.79
CA PRO A 157 29.42 -11.76 1.72
C PRO A 157 28.81 -13.12 1.99
N GLN A 158 29.63 -14.09 2.39
CA GLN A 158 29.10 -15.36 2.91
C GLN A 158 28.92 -15.23 4.42
N LEU A 159 27.67 -15.39 4.87
CA LEU A 159 27.31 -15.12 6.26
C LEU A 159 26.57 -16.25 6.95
N ASN A 160 26.78 -16.32 8.27
CA ASN A 160 26.13 -17.32 9.11
C ASN A 160 25.37 -16.61 10.23
N GLN A 161 24.16 -17.07 10.49
CA GLN A 161 23.37 -16.58 11.61
C GLN A 161 22.81 -17.77 12.33
N THR A 162 22.91 -17.75 13.65
CA THR A 162 22.22 -18.75 14.45
C THR A 162 21.22 -18.10 15.41
N TYR A 163 20.06 -18.73 15.55
CA TYR A 163 19.13 -18.36 16.61
C TYR A 163 18.67 -19.60 17.35
N ARG A 164 18.73 -19.53 18.68
CA ARG A 164 18.30 -20.66 19.52
C ARG A 164 16.98 -20.39 20.25
N ASN A 165 16.01 -21.28 20.04
CA ASN A 165 14.72 -21.21 20.75
C ASN A 165 14.97 -21.37 22.24
N THR A 166 14.81 -20.28 22.98
CA THR A 166 14.99 -20.33 24.44
C THR A 166 13.69 -20.74 25.14
N ARG A 167 12.56 -20.24 24.67
CA ARG A 167 11.27 -20.45 25.35
C ARG A 167 10.78 -21.90 25.33
N LYS A 168 9.90 -22.25 26.26
CA LYS A 168 9.39 -23.62 26.38
C LYS A 168 8.31 -23.97 25.34
N GLU A 169 7.86 -22.95 24.62
CA GLU A 169 6.94 -23.10 23.49
C GLU A 169 7.72 -23.17 22.17
N PRO A 170 7.24 -23.96 21.22
CA PRO A 170 7.89 -23.95 19.89
C PRO A 170 7.77 -22.59 19.15
N ALA A 171 8.80 -22.21 18.38
CA ALA A 171 8.86 -20.90 17.69
C ALA A 171 8.52 -20.92 16.19
N LEU A 172 7.80 -19.91 15.74
CA LEU A 172 7.60 -19.76 14.31
C LEU A 172 8.75 -18.89 13.75
N ILE A 173 9.49 -19.44 12.79
CA ILE A 173 10.61 -18.76 12.17
C ILE A 173 10.37 -18.67 10.68
N VAL A 174 10.24 -17.46 10.16
CA VAL A 174 10.04 -17.30 8.72
C VAL A 174 11.25 -16.64 8.07
N TRP A 175 11.52 -17.00 6.82
CA TRP A 175 12.59 -16.40 6.04
C TRP A 175 12.11 -16.32 4.61
N GLY A 176 12.84 -15.59 3.79
CA GLY A 176 12.46 -15.49 2.40
C GLY A 176 13.64 -15.65 1.48
N VAL A 177 13.31 -15.91 0.21
CA VAL A 177 14.26 -15.99 -0.87
C VAL A 177 13.86 -14.96 -1.93
N HIS A 178 14.70 -13.98 -2.20
CA HIS A 178 14.36 -13.04 -3.26
C HIS A 178 14.74 -13.55 -4.66
N HIS A 179 13.79 -13.47 -5.57
CA HIS A 179 13.96 -13.83 -6.98
C HIS A 179 13.96 -12.58 -7.85
N SER A 180 15.15 -12.12 -8.26
CA SER A 180 15.27 -10.86 -8.99
C SER A 180 14.54 -10.90 -10.33
N SER A 181 14.23 -9.73 -10.88
CA SER A 181 13.49 -9.63 -12.14
C SER A 181 14.25 -10.20 -13.35
N SER A 182 15.58 -10.10 -13.35
CA SER A 182 16.40 -10.71 -14.39
C SER A 182 17.76 -11.03 -13.81
N LEU A 183 18.62 -11.70 -14.58
CA LEU A 183 19.96 -12.06 -14.09
C LEU A 183 20.76 -10.77 -13.90
N ASP A 184 20.48 -9.76 -14.71
CA ASP A 184 21.12 -8.47 -14.53
C ASP A 184 20.84 -7.87 -13.14
N GLU A 185 19.56 -7.79 -12.77
CA GLU A 185 19.14 -7.16 -11.51
C GLU A 185 19.66 -7.88 -10.25
N GLN A 186 19.84 -9.19 -10.35
CA GLN A 186 20.43 -9.95 -9.25
C GLN A 186 21.87 -9.51 -9.04
N ASN A 187 22.57 -9.30 -10.16
CA ASN A 187 23.95 -8.87 -10.14
C ASN A 187 24.09 -7.52 -9.49
N LYS A 188 23.18 -6.62 -9.84
CA LYS A 188 23.15 -5.29 -9.24
C LYS A 188 23.07 -5.39 -7.71
N LEU A 189 22.15 -6.21 -7.21
CA LEU A 189 21.84 -6.23 -5.78
C LEU A 189 22.74 -7.14 -4.95
N TYR A 190 23.15 -8.27 -5.50
CA TYR A 190 23.92 -9.23 -4.73
C TYR A 190 25.31 -9.49 -5.35
N GLY A 191 25.53 -8.98 -6.57
CA GLY A 191 26.77 -9.24 -7.27
C GLY A 191 26.64 -10.50 -8.10
N THR A 192 27.67 -10.77 -8.91
CA THR A 192 27.72 -11.97 -9.74
C THR A 192 28.07 -13.21 -8.90
N GLY A 193 27.90 -14.39 -9.49
CA GLY A 193 28.24 -15.62 -8.79
C GLY A 193 27.09 -16.57 -8.52
N ASN A 194 27.38 -17.65 -7.82
CA ASN A 194 26.36 -18.63 -7.45
C ASN A 194 25.70 -18.23 -6.14
N LYS A 195 24.36 -18.12 -6.15
CA LYS A 195 23.65 -17.67 -4.96
C LYS A 195 23.02 -18.86 -4.27
N LEU A 196 23.33 -19.01 -2.98
CA LEU A 196 22.84 -20.14 -2.21
C LEU A 196 22.50 -19.76 -0.77
N ILE A 197 21.27 -20.09 -0.39
CA ILE A 197 20.78 -19.99 0.99
C ILE A 197 20.61 -21.39 1.57
N THR A 198 21.16 -21.65 2.76
CA THR A 198 20.91 -22.93 3.41
C THR A 198 20.41 -22.70 4.83
N VAL A 199 19.33 -23.42 5.18
CA VAL A 199 18.67 -23.33 6.48
C VAL A 199 18.70 -24.67 7.22
N GLY A 200 19.25 -24.64 8.43
CA GLY A 200 19.52 -25.84 9.18
C GLY A 200 18.98 -25.84 10.59
N SER A 201 18.10 -26.80 10.83
CA SER A 201 17.61 -27.10 12.17
C SER A 201 18.11 -28.48 12.59
N SER A 202 17.60 -29.00 13.70
CA SER A 202 17.94 -30.37 14.13
C SER A 202 16.97 -31.39 13.54
N LYS A 203 15.86 -30.91 12.97
CA LYS A 203 14.91 -31.76 12.27
C LYS A 203 14.79 -31.33 10.81
N TYR A 204 15.00 -30.04 10.58
CA TYR A 204 14.91 -29.40 9.26
C TYR A 204 16.31 -29.10 8.65
N GLN A 205 16.45 -29.38 7.37
CA GLN A 205 17.59 -28.87 6.58
C GLN A 205 17.24 -28.78 5.10
N GLN A 206 17.10 -27.56 4.63
CA GLN A 206 16.81 -27.33 3.23
C GLN A 206 17.74 -26.23 2.75
N SER A 207 17.88 -26.14 1.43
CA SER A 207 18.68 -25.08 0.83
C SER A 207 17.89 -24.50 -0.35
N PHE A 208 18.14 -23.23 -0.64
CA PHE A 208 17.36 -22.52 -1.64
C PHE A 208 18.28 -21.69 -2.51
N SER A 209 18.04 -21.72 -3.81
CA SER A 209 18.72 -20.80 -4.70
C SER A 209 17.66 -19.93 -5.39
N PRO A 210 17.99 -18.65 -5.63
CA PRO A 210 17.06 -17.81 -6.38
C PRO A 210 16.92 -18.33 -7.78
N SER A 211 15.72 -18.22 -8.33
CA SER A 211 15.53 -18.48 -9.74
C SER A 211 15.09 -17.19 -10.45
N PRO A 212 16.08 -16.38 -10.89
CA PRO A 212 15.86 -15.04 -11.48
C PRO A 212 15.20 -15.13 -12.86
N GLY A 213 14.46 -14.09 -13.26
CA GLY A 213 13.74 -14.16 -14.53
C GLY A 213 12.54 -13.25 -14.66
N ALA A 214 12.11 -12.99 -15.90
CA ALA A 214 11.02 -12.05 -16.17
C ALA A 214 9.66 -12.68 -15.92
N ARG A 215 9.06 -12.34 -14.79
CA ARG A 215 7.74 -12.81 -14.43
C ARG A 215 6.74 -11.70 -14.77
N PRO A 216 5.42 -12.00 -14.69
CA PRO A 216 4.48 -10.90 -14.96
C PRO A 216 4.52 -9.86 -13.84
N LYS A 217 4.23 -8.62 -14.18
CA LYS A 217 4.26 -7.55 -13.20
C LYS A 217 3.01 -7.54 -12.28
N VAL A 218 3.23 -7.85 -11.01
CA VAL A 218 2.17 -7.77 -10.00
C VAL A 218 2.54 -6.76 -8.90
N ASN A 219 1.61 -5.88 -8.58
CA ASN A 219 1.87 -4.78 -7.64
C ASN A 219 3.09 -3.97 -8.10
N GLY A 220 3.27 -3.87 -9.42
CA GLY A 220 4.32 -3.06 -10.01
C GLY A 220 5.71 -3.69 -10.09
N GLN A 221 5.82 -4.93 -9.61
CA GLN A 221 7.11 -5.60 -9.51
C GLN A 221 7.15 -6.95 -10.22
N ALA A 222 8.23 -7.21 -10.94
CA ALA A 222 8.36 -8.47 -11.68
C ALA A 222 9.20 -9.49 -10.90
N GLY A 223 9.88 -9.04 -9.86
CA GLY A 223 10.53 -9.97 -8.95
C GLY A 223 9.52 -10.62 -8.02
N ARG A 224 10.02 -11.55 -7.20
CA ARG A 224 9.18 -12.30 -6.29
C ARG A 224 9.94 -12.48 -5.00
N ILE A 225 9.21 -12.68 -3.90
CA ILE A 225 9.83 -13.07 -2.65
C ILE A 225 8.99 -14.23 -2.16
N ASP A 226 9.65 -15.33 -1.83
CA ASP A 226 8.96 -16.53 -1.41
C ASP A 226 9.33 -16.83 0.01
N PHE A 227 8.32 -17.04 0.87
CA PHE A 227 8.58 -17.24 2.27
C PHE A 227 8.49 -18.70 2.67
N HIS A 228 9.35 -19.10 3.60
CA HIS A 228 9.35 -20.46 4.08
C HIS A 228 9.41 -20.43 5.60
N TRP A 229 8.95 -21.50 6.23
CA TRP A 229 8.92 -21.55 7.68
C TRP A 229 9.20 -22.95 8.25
N MET A 230 9.27 -23.01 9.56
CA MET A 230 9.64 -24.21 10.26
C MET A 230 9.18 -23.99 11.68
N LEU A 231 8.99 -25.07 12.43
CA LEU A 231 8.71 -24.91 13.85
C LEU A 231 9.91 -25.36 14.69
N LEU A 232 10.36 -24.47 15.55
CA LEU A 232 11.58 -24.67 16.29
C LEU A 232 11.29 -25.08 17.74
N ASP A 233 11.58 -26.35 18.07
CA ASP A 233 11.44 -26.86 19.43
C ASP A 233 12.26 -26.06 20.43
N PRO A 234 11.84 -26.06 21.71
CA PRO A 234 12.64 -25.38 22.73
C PRO A 234 14.08 -25.91 22.80
N GLY A 235 15.05 -25.02 22.97
CA GLY A 235 16.45 -25.39 23.11
C GLY A 235 17.11 -25.84 21.81
N ASP A 236 16.51 -25.51 20.69
CA ASP A 236 17.03 -25.86 19.38
C ASP A 236 17.55 -24.62 18.63
N THR A 237 18.59 -24.79 17.81
CA THR A 237 19.09 -23.69 16.99
C THR A 237 18.70 -23.84 15.51
N VAL A 238 18.23 -22.74 14.94
CA VAL A 238 18.15 -22.63 13.49
C VAL A 238 19.46 -21.96 13.05
N THR A 239 20.01 -22.45 11.94
CA THR A 239 21.23 -21.89 11.34
C THR A 239 20.95 -21.30 9.96
N PHE A 240 21.14 -19.99 9.84
CA PHE A 240 21.02 -19.34 8.54
C PHE A 240 22.39 -19.17 7.89
N THR A 241 22.52 -19.65 6.66
CA THR A 241 23.75 -19.45 5.90
C THR A 241 23.39 -19.06 4.46
N PHE A 242 24.04 -18.01 3.96
CA PHE A 242 23.58 -17.34 2.76
C PHE A 242 24.61 -16.34 2.23
N ASN A 243 24.63 -16.19 0.90
CA ASN A 243 25.51 -15.22 0.25
C ASN A 243 24.75 -14.27 -0.68
N GLY A 244 23.46 -14.09 -0.41
CA GLY A 244 22.59 -13.29 -1.25
C GLY A 244 21.16 -13.80 -1.39
N ALA A 245 20.29 -12.92 -1.88
CA ALA A 245 18.86 -13.19 -2.09
C ALA A 245 18.11 -13.51 -0.80
N PHE A 246 18.64 -13.07 0.33
CA PHE A 246 18.09 -13.46 1.61
C PHE A 246 17.22 -12.39 2.26
N ILE A 247 15.95 -12.73 2.46
CA ILE A 247 15.01 -11.97 3.29
C ILE A 247 15.00 -12.57 4.71
N ALA A 248 15.61 -11.86 5.65
CA ALA A 248 15.92 -12.39 6.96
C ALA A 248 14.83 -12.05 7.99
N PRO A 249 14.64 -12.92 8.99
CA PRO A 249 13.71 -12.66 10.09
C PRO A 249 14.28 -11.78 11.16
N ASP A 250 13.51 -10.80 11.59
CA ASP A 250 13.92 -9.89 12.64
C ASP A 250 13.17 -10.20 13.95
N ARG A 251 12.07 -10.93 13.86
CA ARG A 251 11.33 -11.36 15.05
C ARG A 251 10.78 -12.73 14.83
N ALA A 252 10.73 -13.52 15.90
CA ALA A 252 10.14 -14.85 15.86
C ALA A 252 8.71 -14.82 16.41
N THR A 253 7.85 -15.64 15.85
CA THR A 253 6.47 -15.69 16.30
C THR A 253 6.26 -16.84 17.29
N PHE A 254 5.68 -16.51 18.45
CA PHE A 254 5.30 -17.51 19.42
C PHE A 254 3.80 -17.54 19.63
N LEU A 255 3.22 -18.74 19.60
CA LEU A 255 1.78 -18.88 19.79
C LEU A 255 1.39 -18.63 21.26
N ARG A 256 0.23 -18.01 21.46
CA ARG A 256 -0.19 -17.68 22.82
C ARG A 256 -0.83 -18.86 23.57
N SER A 257 -1.27 -19.91 22.86
CA SER A 257 -1.84 -21.07 23.56
C SER A 257 -0.74 -22.08 23.94
N ASN A 258 0.47 -21.58 24.12
CA ASN A 258 1.63 -22.41 24.42
C ASN A 258 2.46 -21.79 25.53
N ALA A 259 1.95 -20.70 26.09
CA ALA A 259 2.63 -19.97 27.16
C ALA A 259 2.33 -20.58 28.55
N ILE A 263 0.85 -13.63 31.52
CA ILE A 263 -0.51 -13.35 31.03
C ILE A 263 -0.48 -12.99 29.54
N GLU A 264 0.58 -13.40 28.86
CA GLU A 264 0.66 -13.33 27.41
C GLU A 264 -0.19 -14.44 26.80
N TYR A 265 -0.78 -15.26 27.67
CA TYR A 265 -1.53 -16.47 27.31
C TYR A 265 -2.98 -16.21 26.87
N ASN A 266 -3.45 -16.99 25.91
CA ASN A 266 -4.85 -16.92 25.50
C ASN A 266 -5.32 -18.18 24.77
N GLY A 267 -5.79 -19.18 25.51
CA GLY A 267 -6.00 -20.49 24.95
C GLY A 267 -6.80 -20.63 23.67
N LYS A 268 -6.17 -21.16 22.63
CA LYS A 268 -6.83 -21.86 21.52
C LYS A 268 -7.97 -21.11 20.87
N SER A 269 -7.84 -20.86 19.59
CA SER A 269 -8.81 -20.02 18.91
C SER A 269 -9.53 -20.79 17.84
N LEU A 270 -10.60 -20.22 17.35
CA LEU A 270 -11.27 -20.75 16.21
C LEU A 270 -11.10 -19.71 15.12
N GLY A 271 -10.72 -20.15 13.94
CA GLY A 271 -10.60 -19.25 12.82
C GLY A 271 -11.75 -19.47 11.87
N ILE A 272 -12.56 -18.45 11.64
CA ILE A 272 -13.67 -18.55 10.73
C ILE A 272 -13.47 -17.64 9.52
N GLN A 273 -14.06 -17.98 8.39
CA GLN A 273 -14.05 -17.12 7.23
C GLN A 273 -15.48 -16.64 6.97
N SER A 274 -15.69 -15.33 6.97
CA SER A 274 -17.03 -14.77 7.01
C SER A 274 -17.10 -13.44 6.27
N ASP A 275 -18.23 -13.19 5.64
CA ASP A 275 -18.50 -11.93 4.94
C ASP A 275 -19.33 -10.94 5.78
N ALA A 276 -19.51 -11.22 7.07
CA ALA A 276 -20.54 -10.55 7.85
C ALA A 276 -20.01 -9.59 8.88
N GLN A 277 -20.73 -8.50 9.12
CA GLN A 277 -20.36 -7.52 10.15
C GLN A 277 -20.26 -8.20 11.48
N ILE A 278 -19.39 -7.70 12.36
CA ILE A 278 -19.36 -8.15 13.75
C ILE A 278 -20.48 -7.53 14.54
N ASP A 279 -21.11 -8.31 15.42
CA ASP A 279 -22.10 -7.87 16.40
C ASP A 279 -21.68 -8.43 17.77
N GLU A 280 -21.29 -7.57 18.71
CA GLU A 280 -20.88 -7.96 20.06
C GLU A 280 -22.08 -8.07 20.98
N SER A 281 -23.28 -7.84 20.46
CA SER A 281 -24.47 -7.95 21.32
C SER A 281 -25.11 -9.38 21.32
N CYS A 282 -25.00 -10.13 20.23
CA CYS A 282 -25.52 -11.48 20.22
C CYS A 282 -24.46 -12.52 20.60
N GLU A 283 -24.89 -13.66 21.16
CA GLU A 283 -24.02 -14.76 21.54
C GLU A 283 -24.08 -15.88 20.49
N GLY A 284 -22.93 -16.49 20.18
CA GLY A 284 -22.89 -17.54 19.17
C GLY A 284 -21.66 -18.43 19.24
N GLU A 285 -21.83 -19.70 18.86
CA GLU A 285 -20.77 -20.72 18.96
C GLU A 285 -20.47 -21.36 17.62
N CYS A 286 -21.34 -21.13 16.65
CA CYS A 286 -21.24 -21.78 15.34
C CYS A 286 -21.38 -20.73 14.28
N PHE A 287 -20.43 -20.74 13.35
CA PHE A 287 -20.30 -19.68 12.34
C PHE A 287 -20.15 -20.23 10.95
N TYR A 288 -20.60 -19.48 9.96
CA TYR A 288 -20.40 -19.84 8.56
C TYR A 288 -20.18 -18.53 7.81
N SER A 289 -20.03 -18.59 6.49
CA SER A 289 -19.69 -17.38 5.72
C SER A 289 -20.76 -16.28 5.74
N GLY A 290 -21.99 -16.62 6.12
CA GLY A 290 -23.09 -15.67 6.16
C GLY A 290 -23.28 -15.11 7.56
N GLY A 291 -22.56 -15.65 8.52
CA GLY A 291 -22.68 -15.16 9.87
C GLY A 291 -22.63 -16.27 10.90
N THR A 292 -23.71 -16.37 11.68
CA THR A 292 -23.77 -17.19 12.85
C THR A 292 -24.99 -18.08 12.81
N ILE A 293 -24.82 -19.32 13.29
CA ILE A 293 -25.96 -20.17 13.61
C ILE A 293 -26.09 -20.30 15.12
N ASN A 294 -27.18 -19.78 15.67
CA ASN A 294 -27.44 -19.97 17.08
C ASN A 294 -28.85 -20.46 17.23
N SER A 295 -29.00 -21.78 17.32
CA SER A 295 -30.33 -22.35 17.34
C SER A 295 -30.54 -23.37 18.48
N PRO A 296 -31.79 -23.48 18.95
CA PRO A 296 -32.25 -24.58 19.80
C PRO A 296 -32.29 -25.92 19.05
N LEU A 297 -32.30 -25.86 17.72
CA LEU A 297 -32.60 -27.04 16.92
C LEU A 297 -31.38 -27.96 16.74
N PRO A 298 -31.61 -29.27 16.63
CA PRO A 298 -30.45 -30.17 16.55
C PRO A 298 -29.78 -30.22 15.18
N PHE A 299 -30.47 -29.79 14.10
CA PHE A 299 -29.93 -29.86 12.75
C PHE A 299 -29.96 -28.51 12.05
N GLN A 300 -29.14 -28.33 11.01
CA GLN A 300 -29.25 -27.14 10.18
C GLN A 300 -29.17 -27.43 8.69
N ASN A 301 -29.83 -26.60 7.90
CA ASN A 301 -29.86 -26.73 6.46
C ASN A 301 -29.15 -25.58 5.80
N ILE A 302 -28.45 -24.78 6.60
CA ILE A 302 -27.95 -23.48 6.16
C ILE A 302 -26.65 -23.57 5.33
N ASP A 303 -25.65 -24.27 5.87
CA ASP A 303 -24.34 -24.42 5.26
C ASP A 303 -23.55 -25.63 5.74
N SER A 304 -23.15 -26.50 4.81
CA SER A 304 -22.33 -27.69 5.08
C SER A 304 -21.04 -27.41 5.75
N ARG A 305 -20.53 -26.19 5.57
CA ARG A 305 -19.15 -25.91 5.94
C ARG A 305 -19.05 -25.08 7.19
N ALA A 306 -20.10 -25.10 8.03
CA ALA A 306 -20.10 -24.39 9.28
C ALA A 306 -19.03 -24.93 10.21
N VAL A 307 -18.49 -24.10 11.09
CA VAL A 307 -17.40 -24.48 11.99
C VAL A 307 -17.66 -23.98 13.40
N GLY A 308 -17.06 -24.64 14.39
CA GLY A 308 -17.32 -24.36 15.79
C GLY A 308 -18.21 -25.42 16.42
N LYS A 309 -18.99 -25.04 17.44
CA LYS A 309 -19.98 -25.93 18.05
C LYS A 309 -21.29 -25.84 17.31
N CYS A 310 -21.57 -26.82 16.48
CA CYS A 310 -22.60 -26.68 15.46
C CYS A 310 -23.69 -27.73 15.41
N PRO A 311 -24.92 -27.33 15.05
CA PRO A 311 -25.95 -28.32 14.70
C PRO A 311 -25.44 -29.16 13.52
N ARG A 312 -25.92 -30.39 13.41
CA ARG A 312 -25.51 -31.25 12.31
C ARG A 312 -26.11 -30.76 10.99
N TYR A 313 -25.32 -30.69 9.92
CA TYR A 313 -25.90 -30.31 8.64
C TYR A 313 -26.63 -31.50 8.02
N VAL A 314 -27.80 -31.25 7.42
CA VAL A 314 -28.61 -32.28 6.76
C VAL A 314 -29.14 -31.71 5.43
N LYS A 315 -29.43 -32.54 4.44
CA LYS A 315 -30.03 -32.10 3.18
C LYS A 315 -31.45 -31.59 3.29
N GLN A 316 -32.21 -32.09 4.28
CA GLN A 316 -33.60 -31.76 4.40
C GLN A 316 -33.77 -30.38 4.98
N SER A 317 -34.81 -29.68 4.53
CA SER A 317 -35.13 -28.36 5.06
C SER A 317 -36.21 -28.43 6.16
N SER A 318 -36.78 -29.63 6.33
CA SER A 318 -37.76 -29.85 7.37
C SER A 318 -37.82 -31.28 7.84
N LEU A 319 -37.72 -31.47 9.16
CA LEU A 319 -38.01 -32.77 9.77
C LEU A 319 -38.90 -32.56 10.99
N PRO A 320 -40.22 -32.46 10.81
CA PRO A 320 -41.14 -32.11 11.90
C PRO A 320 -41.20 -33.18 13.02
N LEU A 321 -40.93 -32.76 14.26
CA LEU A 321 -41.01 -33.65 15.45
C LEU A 321 -42.36 -33.50 16.22
N ALA A 322 -42.98 -34.64 16.60
CA ALA A 322 -44.25 -34.60 17.32
C ALA A 322 -43.99 -34.30 18.81
N LEU A 323 -44.87 -33.50 19.42
CA LEU A 323 -44.74 -33.15 20.83
C LEU A 323 -46.04 -33.47 21.58
N GLY A 324 -46.98 -34.08 20.86
CA GLY A 324 -48.18 -34.58 21.44
C GLY A 324 -48.73 -35.69 20.56
N MET A 325 -49.91 -36.18 20.94
CA MET A 325 -50.43 -37.45 20.46
C MET A 325 -51.05 -37.32 19.11
N LYS A 326 -51.27 -38.45 18.47
CA LYS A 326 -52.05 -38.55 17.23
C LYS A 326 -53.42 -37.91 17.40
N ASN A 327 -53.74 -37.02 16.45
CA ASN A 327 -54.95 -36.21 16.52
C ASN A 327 -56.12 -36.91 15.89
N VAL A 328 -57.08 -37.26 16.70
CA VAL A 328 -58.26 -37.96 16.19
C VAL A 328 -59.44 -37.05 16.39
N PRO A 329 -59.94 -36.46 15.28
CA PRO A 329 -61.00 -35.46 15.35
C PRO A 329 -62.27 -36.10 15.92
N GLU A 330 -63.10 -35.30 16.59
CA GLU A 330 -64.31 -35.80 17.22
C GLU A 330 -65.37 -36.09 16.17
N LYS A 331 -66.20 -37.10 16.45
CA LYS A 331 -67.24 -37.50 15.52
C LYS A 331 -68.63 -37.13 16.03
N ILE A 332 -69.53 -36.84 15.09
CA ILE A 332 -70.91 -36.42 15.33
C ILE A 332 -71.69 -37.30 16.33
N GLY B 7 -76.42 -36.10 21.96
CA GLY B 7 -76.60 -36.16 23.42
C GLY B 7 -75.86 -37.28 24.15
N ALA B 8 -75.42 -38.32 23.42
CA ALA B 8 -74.73 -39.48 24.02
C ALA B 8 -73.21 -39.27 24.12
N ILE B 9 -72.54 -40.02 24.98
CA ILE B 9 -71.12 -39.87 25.19
C ILE B 9 -70.33 -41.13 24.80
N ALA B 10 -69.14 -40.93 24.24
CA ALA B 10 -68.28 -42.03 23.80
C ALA B 10 -66.82 -41.79 24.18
N GLY B 11 -66.11 -42.87 24.44
CA GLY B 11 -64.73 -42.70 24.87
C GLY B 11 -63.76 -42.71 23.73
N PHE B 12 -62.54 -43.17 23.99
CA PHE B 12 -61.42 -43.00 23.03
C PHE B 12 -61.43 -43.98 21.87
N ILE B 13 -62.16 -45.08 22.01
CA ILE B 13 -62.03 -46.13 21.02
C ILE B 13 -62.53 -45.64 19.68
N GLU B 14 -63.44 -44.68 19.65
CA GLU B 14 -63.79 -44.10 18.35
C GLU B 14 -63.17 -42.70 18.03
N ASN B 15 -62.94 -41.93 19.10
CA ASN B 15 -63.01 -40.49 19.07
C ASN B 15 -62.00 -39.81 19.96
N GLY B 16 -61.50 -38.66 19.54
CA GLY B 16 -60.75 -37.79 20.43
C GLY B 16 -61.69 -36.70 20.87
N TRP B 17 -61.38 -35.97 21.92
CA TRP B 17 -62.35 -34.98 22.41
C TRP B 17 -61.90 -33.55 22.20
N GLU B 18 -62.54 -32.84 21.30
CA GLU B 18 -62.15 -31.47 21.01
C GLU B 18 -62.42 -30.51 22.16
N GLY B 19 -63.23 -30.93 23.12
CA GLY B 19 -63.65 -30.10 24.23
C GLY B 19 -62.90 -30.34 25.53
N LEU B 20 -61.94 -31.25 25.52
CA LEU B 20 -61.09 -31.46 26.69
C LEU B 20 -59.90 -30.50 26.57
N ILE B 21 -60.02 -29.30 27.14
CA ILE B 21 -59.03 -28.24 26.89
C ILE B 21 -58.06 -27.89 28.03
N ASP B 22 -58.08 -28.64 29.13
CA ASP B 22 -57.13 -28.47 30.24
C ASP B 22 -56.48 -29.77 30.69
N GLY B 23 -56.37 -30.71 29.77
CA GLY B 23 -55.76 -31.98 30.04
C GLY B 23 -55.55 -32.77 28.77
N TRP B 24 -54.69 -33.79 28.84
CA TRP B 24 -54.48 -34.66 27.70
C TRP B 24 -55.42 -35.83 27.72
N TYR B 25 -55.58 -36.41 28.90
CA TYR B 25 -56.51 -37.51 29.13
C TYR B 25 -57.62 -37.07 30.06
N GLY B 26 -58.74 -37.79 30.06
CA GLY B 26 -59.82 -37.43 30.97
C GLY B 26 -61.06 -38.33 30.99
N PHE B 27 -61.89 -38.08 31.99
CA PHE B 27 -63.16 -38.77 32.18
C PHE B 27 -64.33 -37.92 31.72
N ARG B 28 -65.34 -38.56 31.17
CA ARG B 28 -66.57 -37.91 30.84
C ARG B 28 -67.59 -38.81 31.45
N HIS B 29 -68.62 -38.27 32.09
CA HIS B 29 -69.60 -39.12 32.77
C HIS B 29 -71.04 -38.75 32.51
N GLN B 30 -71.91 -39.51 33.13
CA GLN B 30 -73.35 -39.41 32.94
C GLN B 30 -74.05 -40.05 34.10
N ASN B 31 -74.90 -39.29 34.78
CA ASN B 31 -75.75 -39.86 35.81
C ASN B 31 -76.95 -38.95 36.03
N ALA B 32 -77.81 -39.27 36.99
CA ALA B 32 -78.96 -38.43 37.28
C ALA B 32 -78.65 -36.93 37.32
N GLN B 33 -77.56 -36.55 38.00
CA GLN B 33 -77.13 -35.15 38.08
C GLN B 33 -76.90 -34.46 36.72
N GLY B 34 -76.55 -35.22 35.68
CA GLY B 34 -76.26 -34.68 34.36
C GLY B 34 -74.91 -35.13 33.85
N GLN B 35 -74.34 -34.41 32.88
CA GLN B 35 -73.03 -34.73 32.29
C GLN B 35 -71.89 -33.92 32.89
N GLY B 36 -70.67 -34.40 32.69
CA GLY B 36 -69.51 -33.71 33.19
C GLY B 36 -68.30 -34.21 32.45
N THR B 37 -67.23 -33.39 32.44
CA THR B 37 -65.91 -33.77 31.93
C THR B 37 -64.85 -33.29 32.89
N ALA B 38 -63.82 -34.10 33.11
CA ALA B 38 -62.74 -33.73 33.98
C ALA B 38 -61.41 -34.21 33.40
N ALA B 39 -60.43 -33.33 33.28
CA ALA B 39 -59.10 -33.80 32.95
C ALA B 39 -58.56 -34.67 34.08
N ASP B 40 -57.52 -35.45 33.76
CA ASP B 40 -56.77 -36.25 34.73
C ASP B 40 -55.31 -35.77 34.81
N TYR B 41 -54.88 -35.25 35.96
CA TYR B 41 -53.57 -34.60 36.04
C TYR B 41 -52.41 -35.59 35.94
N LYS B 42 -52.46 -36.65 36.75
CA LYS B 42 -51.35 -37.58 36.87
C LYS B 42 -50.98 -38.20 35.50
N SER B 43 -51.97 -38.67 34.76
CA SER B 43 -51.67 -39.43 33.55
C SER B 43 -51.40 -38.51 32.36
N THR B 44 -51.75 -37.23 32.50
CA THR B 44 -51.43 -36.19 31.53
C THR B 44 -50.00 -35.74 31.73
N GLN B 45 -49.64 -35.59 32.98
CA GLN B 45 -48.31 -35.12 33.30
C GLN B 45 -47.30 -36.19 32.92
N ALA B 46 -47.65 -37.46 33.07
CA ALA B 46 -46.73 -38.55 32.76
C ALA B 46 -46.46 -38.64 31.28
N ALA B 47 -47.45 -38.31 30.47
CA ALA B 47 -47.24 -38.19 29.04
C ALA B 47 -46.35 -36.97 28.73
N ILE B 48 -46.64 -35.84 29.34
CA ILE B 48 -45.87 -34.62 29.07
C ILE B 48 -44.40 -34.79 29.47
N ASP B 49 -44.18 -35.44 30.61
CA ASP B 49 -42.82 -35.67 31.09
C ASP B 49 -41.96 -36.46 30.10
N GLN B 50 -42.54 -37.43 29.40
CA GLN B 50 -41.77 -38.27 28.48
C GLN B 50 -41.48 -37.58 27.15
N ILE B 51 -42.20 -36.49 26.89
CA ILE B 51 -42.10 -35.76 25.64
C ILE B 51 -41.29 -34.46 25.79
N THR B 52 -41.32 -33.83 26.95
CA THR B 52 -40.34 -32.75 27.17
C THR B 52 -38.96 -33.42 27.37
N GLY B 53 -37.94 -32.91 26.71
CA GLY B 53 -36.67 -33.58 26.80
C GLY B 53 -36.30 -34.28 25.51
N LYS B 54 -37.30 -34.54 24.67
CA LYS B 54 -37.08 -34.73 23.25
C LYS B 54 -36.44 -33.42 22.80
N LEU B 55 -35.99 -33.33 21.55
CA LEU B 55 -35.33 -32.10 21.06
C LEU B 55 -33.95 -31.88 21.73
N ASN B 56 -33.93 -31.86 23.06
CA ASN B 56 -32.66 -31.87 23.75
C ASN B 56 -31.91 -33.19 23.54
N ARG B 57 -32.65 -34.27 23.43
CA ARG B 57 -32.03 -35.56 23.27
C ARG B 57 -31.56 -35.71 21.81
N LEU B 58 -32.21 -35.00 20.91
CA LEU B 58 -31.75 -35.02 19.53
C LEU B 58 -30.40 -34.28 19.40
N ILE B 59 -30.16 -33.30 20.26
CA ILE B 59 -28.90 -32.55 20.24
C ILE B 59 -27.74 -33.38 20.81
N GLU B 60 -27.91 -33.91 22.03
CA GLU B 60 -26.97 -34.84 22.67
C GLU B 60 -26.42 -35.84 21.70
N LYS B 61 -27.34 -36.45 20.93
CA LYS B 61 -27.06 -37.58 20.07
C LYS B 61 -26.37 -37.20 18.75
N THR B 62 -26.56 -35.95 18.30
CA THR B 62 -26.10 -35.61 16.95
C THR B 62 -25.23 -34.35 16.83
N ASN B 63 -24.82 -33.72 17.95
CA ASN B 63 -24.00 -32.52 17.85
C ASN B 63 -22.51 -32.80 18.07
N LYS B 64 -21.68 -31.92 17.51
CA LYS B 64 -20.25 -32.14 17.26
C LYS B 64 -19.38 -30.86 17.30
N GLN B 65 -18.07 -31.02 17.21
CA GLN B 65 -17.12 -29.90 17.14
C GLN B 65 -16.08 -30.07 16.03
N PHE B 66 -16.08 -29.17 15.03
CA PHE B 66 -15.06 -29.24 13.98
C PHE B 66 -14.52 -27.89 13.47
N GLU B 67 -13.52 -27.98 12.58
CA GLU B 67 -12.75 -26.83 12.10
C GLU B 67 -12.68 -26.85 10.58
N LEU B 68 -11.98 -25.88 9.99
CA LEU B 68 -11.80 -25.83 8.54
C LEU B 68 -10.75 -26.82 8.03
N ILE B 69 -11.07 -27.50 6.91
CA ILE B 69 -10.13 -28.44 6.29
C ILE B 69 -9.92 -28.07 4.82
N ASP B 70 -10.85 -27.31 4.26
CA ASP B 70 -10.67 -26.69 2.94
C ASP B 70 -10.91 -25.18 3.07
N ASN B 71 -10.65 -24.46 2.00
CA ASN B 71 -10.64 -23.01 2.08
C ASN B 71 -11.58 -22.41 1.03
N GLU B 72 -12.25 -21.32 1.38
CA GLU B 72 -13.25 -20.73 0.50
C GLU B 72 -12.71 -19.51 -0.25
N PHE B 73 -11.75 -18.81 0.35
CA PHE B 73 -11.24 -17.56 -0.23
C PHE B 73 -10.00 -17.81 -1.08
N THR B 74 -9.27 -18.89 -0.77
CA THR B 74 -8.27 -19.47 -1.66
C THR B 74 -8.30 -20.99 -1.58
N GLU B 75 -8.91 -21.62 -2.58
CA GLU B 75 -9.02 -23.07 -2.68
C GLU B 75 -7.65 -23.78 -2.62
N VAL B 76 -7.63 -24.95 -1.99
CA VAL B 76 -6.41 -25.74 -1.81
C VAL B 76 -6.03 -26.60 -3.04
N GLN B 78 -6.54 -28.88 -6.30
CA GLN B 78 -7.82 -29.35 -6.82
C GLN B 78 -8.01 -30.87 -6.70
N GLN B 79 -6.92 -31.63 -6.77
CA GLN B 79 -6.98 -33.11 -6.69
C GLN B 79 -7.43 -33.54 -5.29
N ILE B 80 -6.85 -32.91 -4.27
CA ILE B 80 -7.25 -33.14 -2.88
C ILE B 80 -8.65 -32.58 -2.61
N GLY B 81 -8.96 -31.44 -3.21
CA GLY B 81 -10.20 -30.76 -2.96
C GLY B 81 -11.40 -31.42 -3.61
N ASN B 82 -11.17 -32.17 -4.68
CA ASN B 82 -12.28 -32.88 -5.34
C ASN B 82 -12.71 -34.14 -4.58
N VAL B 83 -11.84 -34.62 -3.71
CA VAL B 83 -12.15 -35.77 -2.86
C VAL B 83 -12.75 -35.30 -1.52
N ILE B 84 -12.20 -34.23 -0.94
CA ILE B 84 -12.81 -33.64 0.24
C ILE B 84 -14.28 -33.28 -0.01
N ASN B 85 -14.58 -32.63 -1.12
CA ASN B 85 -15.96 -32.31 -1.49
C ASN B 85 -16.80 -33.58 -1.58
N TRP B 86 -16.25 -34.62 -2.21
CA TRP B 86 -16.93 -35.90 -2.35
C TRP B 86 -17.12 -36.66 -1.02
N THR B 87 -16.17 -36.54 -0.11
CA THR B 87 -16.28 -37.21 1.18
C THR B 87 -17.21 -36.44 2.09
N ARG B 88 -17.22 -35.12 1.98
CA ARG B 88 -18.10 -34.33 2.81
C ARG B 88 -19.51 -34.58 2.37
N ASP B 89 -19.73 -34.66 1.06
CA ASP B 89 -21.08 -34.90 0.54
C ASP B 89 -21.57 -36.30 0.96
N SER B 90 -20.66 -37.26 1.02
CA SER B 90 -21.03 -38.62 1.38
C SER B 90 -21.41 -38.72 2.83
N LEU B 91 -20.70 -38.00 3.68
CA LEU B 91 -20.99 -38.00 5.10
C LEU B 91 -22.30 -37.28 5.35
N THR B 92 -22.60 -36.27 4.54
CA THR B 92 -23.87 -35.56 4.68
C THR B 92 -25.09 -36.45 4.44
N GLU B 93 -25.05 -37.29 3.40
CA GLU B 93 -26.08 -38.26 3.11
C GLU B 93 -26.28 -39.26 4.22
N ILE B 94 -25.21 -39.71 4.83
CA ILE B 94 -25.30 -40.58 5.98
C ILE B 94 -26.01 -39.86 7.13
N TRP B 95 -25.54 -38.67 7.50
CA TRP B 95 -26.18 -37.94 8.57
C TRP B 95 -27.63 -37.50 8.26
N SER B 96 -27.93 -37.24 7.01
CA SER B 96 -29.31 -36.96 6.60
C SER B 96 -30.24 -38.16 6.74
N TYR B 97 -29.74 -39.36 6.46
CA TYR B 97 -30.49 -40.58 6.60
C TYR B 97 -30.72 -40.79 8.10
N ASN B 98 -29.66 -40.64 8.89
CA ASN B 98 -29.71 -40.77 10.34
C ASN B 98 -30.64 -39.81 11.02
N ALA B 99 -30.61 -38.52 10.70
CA ALA B 99 -31.52 -37.54 11.33
C ALA B 99 -32.97 -37.86 11.02
N GLU B 100 -33.24 -38.17 9.75
CA GLU B 100 -34.57 -38.44 9.32
C GLU B 100 -35.12 -39.68 10.03
N LEU B 101 -34.25 -40.67 10.28
CA LEU B 101 -34.63 -41.91 10.90
C LEU B 101 -34.89 -41.69 12.36
N LEU B 102 -34.02 -40.90 12.98
CA LEU B 102 -34.15 -40.54 14.39
C LEU B 102 -35.47 -39.81 14.69
N VAL B 103 -35.85 -38.83 13.89
CA VAL B 103 -37.12 -38.14 14.04
C VAL B 103 -38.29 -39.11 13.83
N ALA B 104 -38.27 -39.91 12.78
CA ALA B 104 -39.33 -40.89 12.58
C ALA B 104 -39.45 -41.83 13.78
N MET B 105 -38.34 -42.35 14.27
CA MET B 105 -38.32 -43.16 15.47
C MET B 105 -38.87 -42.42 16.66
N GLU B 106 -38.47 -41.16 16.88
CA GLU B 106 -38.95 -40.42 18.04
C GLU B 106 -40.46 -40.22 17.91
N ASN B 107 -40.93 -39.92 16.70
CA ASN B 107 -42.35 -39.72 16.43
C ASN B 107 -43.23 -40.96 16.63
N GLN B 108 -42.69 -42.12 16.33
CA GLN B 108 -43.42 -43.35 16.54
C GLN B 108 -43.55 -43.54 18.02
N HIS B 109 -42.53 -43.15 18.77
CA HIS B 109 -42.52 -43.39 20.20
C HIS B 109 -43.49 -42.45 20.97
N THR B 110 -43.61 -41.21 20.52
CA THR B 110 -44.56 -40.25 21.07
C THR B 110 -46.01 -40.69 20.89
N ILE B 111 -46.35 -41.05 19.67
CA ILE B 111 -47.67 -41.52 19.31
C ILE B 111 -48.01 -42.78 20.08
N ASP B 112 -47.09 -43.73 20.17
CA ASP B 112 -47.33 -44.96 20.90
C ASP B 112 -47.38 -44.79 22.41
N LEU B 113 -46.55 -43.92 22.99
CA LEU B 113 -46.57 -43.71 24.44
C LEU B 113 -47.87 -43.04 24.86
N ALA B 114 -48.41 -42.17 24.02
CA ALA B 114 -49.67 -41.53 24.31
C ALA B 114 -50.81 -42.54 24.32
N ASP B 115 -50.79 -43.48 23.39
CA ASP B 115 -51.77 -44.55 23.34
C ASP B 115 -51.67 -45.42 24.54
N SER B 116 -50.48 -45.51 25.09
CA SER B 116 -50.25 -46.39 26.20
C SER B 116 -50.79 -45.77 27.47
N GLU B 117 -50.68 -44.45 27.63
CA GLU B 117 -51.20 -43.82 28.84
C GLU B 117 -52.73 -43.81 28.85
N MET B 118 -53.34 -43.82 27.66
CA MET B 118 -54.77 -43.92 27.57
C MET B 118 -55.25 -45.33 27.96
N ASN B 119 -54.58 -46.36 27.45
CA ASN B 119 -54.90 -47.73 27.80
C ASN B 119 -54.57 -48.09 29.27
N LYS B 120 -53.42 -47.63 29.77
CA LYS B 120 -53.09 -47.73 31.19
C LYS B 120 -54.27 -47.25 32.02
N LEU B 121 -54.82 -46.10 31.66
CA LEU B 121 -55.80 -45.44 32.49
C LEU B 121 -57.17 -46.17 32.42
N TYR B 122 -57.54 -46.67 31.23
CA TYR B 122 -58.77 -47.43 31.02
C TYR B 122 -58.68 -48.75 31.70
N GLU B 123 -57.52 -49.37 31.66
CA GLU B 123 -57.34 -50.65 32.35
C GLU B 123 -57.42 -50.40 33.86
N ARG B 124 -56.84 -49.28 34.32
CA ARG B 124 -56.99 -48.91 35.72
C ARG B 124 -58.46 -48.83 36.15
N VAL B 125 -59.30 -48.17 35.35
CA VAL B 125 -60.68 -47.97 35.74
C VAL B 125 -61.44 -49.29 35.62
N ARG B 126 -61.18 -50.05 34.56
CA ARG B 126 -61.81 -51.37 34.41
C ARG B 126 -61.58 -52.25 35.63
N ARG B 127 -60.36 -52.29 36.11
CA ARG B 127 -60.06 -53.22 37.20
C ARG B 127 -60.54 -52.65 38.52
N GLN B 128 -60.85 -51.35 38.54
CA GLN B 128 -61.34 -50.64 39.72
C GLN B 128 -62.86 -50.87 39.90
N LEU B 129 -63.63 -50.90 38.81
CA LEU B 129 -65.06 -51.13 38.84
C LEU B 129 -65.39 -52.59 39.01
N ARG B 130 -64.43 -53.47 38.78
CA ARG B 130 -64.66 -54.88 38.98
C ARG B 130 -65.89 -55.31 38.24
N GLU B 131 -66.82 -55.88 39.00
CA GLU B 131 -68.05 -56.46 38.50
C GLU B 131 -69.26 -55.50 38.56
N ASN B 132 -69.03 -54.27 39.02
CA ASN B 132 -70.08 -53.27 39.11
C ASN B 132 -70.37 -52.59 37.78
N ALA B 133 -69.61 -52.91 36.74
CA ALA B 133 -69.69 -52.17 35.45
C ALA B 133 -69.39 -53.04 34.31
N GLU B 134 -69.78 -52.62 33.11
CA GLU B 134 -69.51 -53.38 31.89
C GLU B 134 -68.99 -52.48 30.79
N GLU B 135 -68.02 -52.98 30.02
CA GLU B 135 -67.50 -52.23 28.89
C GLU B 135 -68.51 -52.06 27.76
N ASP B 136 -68.70 -50.84 27.27
CA ASP B 136 -69.65 -50.64 26.20
C ASP B 136 -69.05 -50.68 24.81
N GLY B 137 -67.72 -50.85 24.67
CA GLY B 137 -67.09 -50.93 23.36
C GLY B 137 -66.46 -49.66 22.74
N THR B 138 -66.83 -48.50 23.30
CA THR B 138 -66.41 -47.22 22.79
C THR B 138 -65.44 -46.53 23.72
N GLY B 139 -64.90 -47.26 24.67
CA GLY B 139 -64.07 -46.70 25.72
C GLY B 139 -64.85 -46.29 26.97
N CYS B 140 -66.09 -46.77 27.09
CA CYS B 140 -66.96 -46.39 28.21
C CYS B 140 -67.38 -47.59 29.05
N PHE B 141 -67.69 -47.35 30.32
CA PHE B 141 -68.25 -48.36 31.18
C PHE B 141 -69.69 -48.05 31.50
N GLU B 142 -70.62 -48.97 31.22
CA GLU B 142 -71.98 -48.85 31.76
C GLU B 142 -72.00 -49.34 33.20
N ILE B 143 -72.33 -48.45 34.14
CA ILE B 143 -72.33 -48.73 35.57
C ILE B 143 -73.73 -49.16 36.02
N PHE B 144 -73.83 -50.27 36.74
CA PHE B 144 -75.14 -50.87 37.04
C PHE B 144 -75.61 -50.57 38.46
N HIS B 145 -75.08 -49.52 39.07
CA HIS B 145 -75.67 -49.01 40.27
C HIS B 145 -75.92 -47.52 40.10
N ARG B 146 -76.41 -46.85 41.14
CA ARG B 146 -76.71 -45.46 40.99
C ARG B 146 -75.46 -44.79 41.44
N CYS B 147 -74.92 -43.93 40.58
CA CYS B 147 -73.57 -43.39 40.75
C CYS B 147 -73.60 -41.88 40.69
N ASP B 148 -73.71 -41.22 41.85
CA ASP B 148 -73.84 -39.76 41.84
C ASP B 148 -72.49 -39.04 41.56
N ASP B 149 -72.50 -37.71 41.54
CA ASP B 149 -71.32 -36.91 41.24
C ASP B 149 -70.16 -37.19 42.20
N GLN B 150 -70.46 -37.60 43.42
CA GLN B 150 -69.39 -37.80 44.41
C GLN B 150 -68.95 -39.25 44.40
N CYS B 151 -69.63 -40.06 43.61
CA CYS B 151 -69.20 -41.43 43.34
C CYS B 151 -68.34 -41.48 42.06
N MET B 152 -68.61 -40.58 41.12
CA MET B 152 -67.82 -40.47 39.94
C MET B 152 -66.41 -40.04 40.34
N GLU B 153 -66.35 -39.05 41.22
CA GLU B 153 -65.07 -38.55 41.67
C GLU B 153 -64.36 -39.64 42.41
N SER B 154 -65.13 -40.50 43.03
CA SER B 154 -64.57 -41.67 43.66
C SER B 154 -63.82 -42.58 42.65
N ILE B 155 -64.41 -42.73 41.47
CA ILE B 155 -63.79 -43.55 40.46
C ILE B 155 -62.57 -42.87 39.87
N ARG B 156 -62.70 -41.55 39.69
CA ARG B 156 -61.62 -40.68 39.16
C ARG B 156 -60.37 -40.55 40.00
N ASN B 157 -60.53 -40.45 41.32
CA ASN B 157 -59.42 -40.29 42.22
C ASN B 157 -58.97 -41.60 42.84
N ASN B 158 -59.47 -42.68 42.26
CA ASN B 158 -59.04 -44.04 42.58
C ASN B 158 -59.33 -44.49 44.04
N THR B 159 -60.48 -44.11 44.60
CA THR B 159 -60.92 -44.51 45.97
C THR B 159 -62.29 -45.23 46.02
N TYR B 160 -62.91 -45.44 44.87
CA TYR B 160 -64.10 -46.28 44.69
C TYR B 160 -63.96 -47.66 45.32
N ASN B 161 -64.84 -47.97 46.27
CA ASN B 161 -64.88 -49.29 46.90
C ASN B 161 -65.96 -50.13 46.27
N HIS B 162 -65.57 -51.03 45.38
CA HIS B 162 -66.52 -51.72 44.54
C HIS B 162 -67.52 -52.56 45.34
N THR B 163 -67.18 -52.87 46.60
CA THR B 163 -67.99 -53.71 47.51
C THR B 163 -69.25 -53.04 48.03
N GLU B 164 -69.14 -51.75 48.25
CA GLU B 164 -70.24 -50.90 48.66
C GLU B 164 -71.41 -51.06 47.73
N TYR B 165 -71.14 -51.29 46.45
CA TYR B 165 -72.15 -51.25 45.38
C TYR B 165 -72.34 -52.56 44.67
N ARG B 166 -71.69 -53.61 45.14
CA ARG B 166 -71.61 -54.85 44.39
C ARG B 166 -72.95 -55.51 44.26
N GLN B 167 -73.65 -55.73 45.38
CA GLN B 167 -74.94 -56.42 45.34
C GLN B 167 -75.96 -55.67 44.54
N GLU B 168 -76.03 -54.36 44.66
CA GLU B 168 -76.92 -53.58 43.80
C GLU B 168 -76.61 -53.79 42.33
N ALA B 169 -75.32 -53.75 41.96
CA ALA B 169 -74.89 -53.92 40.57
C ALA B 169 -75.31 -55.27 40.00
N LEU B 170 -75.03 -56.33 40.73
CA LEU B 170 -75.38 -57.70 40.35
C LEU B 170 -76.90 -57.97 40.28
N GLN B 171 -77.72 -57.26 41.03
CA GLN B 171 -79.14 -57.47 40.83
C GLN B 171 -79.61 -56.67 39.58
N ASN B 172 -78.87 -55.63 39.18
CA ASN B 172 -79.17 -54.90 37.96
C ASN B 172 -78.54 -55.58 36.72
N ARG B 173 -77.41 -56.25 36.92
CA ARG B 173 -76.72 -56.90 35.81
C ARG B 173 -77.40 -58.17 35.34
N ILE B 174 -77.66 -59.07 36.28
CA ILE B 174 -78.28 -60.35 35.97
C ILE B 174 -79.76 -60.27 35.59
N MET B 175 -80.58 -59.57 36.40
CA MET B 175 -81.99 -59.44 36.02
C MET B 175 -82.26 -58.25 35.09
N ASP C 5 -24.07 5.13 22.47
CA ASP C 5 -23.77 5.25 21.02
C ASP C 5 -23.00 6.53 20.62
N LYS C 6 -21.79 6.38 20.07
CA LYS C 6 -20.96 7.52 19.69
C LYS C 6 -20.48 7.42 18.27
N ILE C 7 -20.35 8.55 17.58
CA ILE C 7 -19.48 8.57 16.41
C ILE C 7 -18.46 9.69 16.60
N CYS C 8 -17.18 9.37 16.36
CA CYS C 8 -16.06 10.32 16.45
C CYS C 8 -15.51 10.71 15.12
N LEU C 9 -15.11 11.97 14.95
CA LEU C 9 -14.31 12.28 13.76
C LEU C 9 -12.82 12.41 14.07
N GLY C 10 -11.97 11.90 13.19
CA GLY C 10 -10.54 11.94 13.44
C GLY C 10 -9.66 12.03 12.21
N HIS C 11 -8.37 12.30 12.41
CA HIS C 11 -7.35 12.32 11.35
C HIS C 11 -6.24 11.32 11.70
N HIS C 12 -5.32 11.01 10.77
CA HIS C 12 -4.32 9.98 11.04
C HIS C 12 -3.13 10.58 11.78
N ALA C 13 -2.26 9.70 12.26
CA ALA C 13 -1.03 10.14 12.93
C ALA C 13 0.00 9.02 12.84
N VAL C 14 1.27 9.35 13.06
CA VAL C 14 2.34 8.36 13.02
C VAL C 14 3.23 8.52 14.26
N ALA C 15 4.15 7.59 14.48
CA ALA C 15 4.94 7.61 15.71
C ALA C 15 6.03 8.68 15.73
N ASN C 16 6.84 8.76 14.67
CA ASN C 16 7.86 9.82 14.59
C ASN C 16 7.84 10.56 13.23
N GLY C 17 6.91 11.49 13.05
CA GLY C 17 6.94 12.35 11.87
C GLY C 17 8.17 13.25 11.77
N THR C 18 8.32 13.95 10.65
CA THR C 18 9.49 14.84 10.42
C THR C 18 9.23 16.27 10.82
N LYS C 19 10.29 16.99 11.22
CA LYS C 19 10.17 18.38 11.61
C LYS C 19 10.33 19.36 10.42
N VAL C 20 9.41 20.32 10.30
CA VAL C 20 9.48 21.39 9.31
C VAL C 20 9.36 22.70 10.06
N ASN C 21 9.53 23.82 9.34
CA ASN C 21 9.30 25.16 9.89
C ASN C 21 8.16 25.84 9.14
N THR C 22 7.49 26.76 9.82
CA THR C 22 6.44 27.55 9.21
C THR C 22 6.91 28.98 9.33
N LEU C 23 6.10 29.95 8.93
CA LEU C 23 6.47 31.35 9.13
C LEU C 23 6.53 31.66 10.62
N THR C 24 5.47 31.24 11.32
CA THR C 24 5.28 31.42 12.76
C THR C 24 6.23 30.59 13.65
N GLU C 25 6.31 29.29 13.38
CA GLU C 25 6.94 28.35 14.31
C GLU C 25 8.04 27.49 13.68
N ARG C 26 8.85 26.92 14.56
CA ARG C 26 10.03 26.17 14.18
C ARG C 26 9.97 24.73 14.71
N GLY C 27 10.10 23.75 13.84
CA GLY C 27 10.21 22.37 14.30
C GLY C 27 8.87 21.70 14.48
N VAL C 28 7.82 22.33 13.98
CA VAL C 28 6.52 21.70 13.87
C VAL C 28 6.62 20.29 13.27
N GLU C 29 6.15 19.30 13.99
CA GLU C 29 6.24 17.94 13.52
C GLU C 29 5.08 17.56 12.62
N VAL C 30 5.35 17.16 11.37
CA VAL C 30 4.27 16.76 10.47
C VAL C 30 4.45 15.29 10.07
N VAL C 31 3.41 14.74 9.46
CA VAL C 31 3.33 13.33 9.15
C VAL C 31 4.32 12.98 8.06
N ASN C 32 4.26 13.76 6.97
CA ASN C 32 5.13 13.57 5.82
C ASN C 32 5.89 14.85 5.35
N ALA C 33 7.08 14.66 4.77
CA ALA C 33 7.83 15.78 4.19
C ALA C 33 8.89 15.33 3.17
N THR C 34 9.34 16.30 2.37
CA THR C 34 10.32 16.13 1.31
C THR C 34 11.31 17.28 1.28
N GLU C 35 12.54 16.99 0.92
CA GLU C 35 13.57 18.00 0.81
C GLU C 35 13.28 18.85 -0.42
N THR C 36 13.65 20.12 -0.37
CA THR C 36 13.53 20.96 -1.57
C THR C 36 14.91 21.44 -2.10
N VAL C 37 15.97 21.26 -1.30
CA VAL C 37 17.32 21.63 -1.72
C VAL C 37 18.16 20.42 -2.15
N GLU C 38 18.55 20.40 -3.42
CA GLU C 38 19.38 19.33 -3.96
C GLU C 38 20.85 19.57 -3.61
N ILE C 39 21.51 18.63 -2.94
CA ILE C 39 22.89 18.83 -2.53
C ILE C 39 23.91 17.95 -3.25
N THR C 40 23.47 16.97 -4.01
CA THR C 40 24.44 16.13 -4.73
C THR C 40 24.22 16.20 -6.22
N GLY C 41 25.31 16.22 -6.96
CA GLY C 41 25.27 16.30 -8.41
C GLY C 41 25.69 15.01 -9.07
N ILE C 42 25.46 14.92 -10.37
CA ILE C 42 26.02 13.83 -11.15
C ILE C 42 27.44 14.21 -11.64
N ASP C 43 28.46 13.52 -11.14
CA ASP C 43 29.83 13.89 -11.45
C ASP C 43 30.22 13.49 -12.88
N LYS C 44 29.29 13.63 -13.81
CA LYS C 44 29.55 13.45 -15.23
C LYS C 44 28.85 14.57 -16.01
N VAL C 45 29.35 14.98 -17.17
CA VAL C 45 28.59 15.90 -18.02
C VAL C 45 27.59 15.05 -18.77
N CYS C 46 26.31 15.17 -18.47
CA CYS C 46 25.28 14.30 -19.05
C CYS C 46 24.82 14.82 -20.39
N THR C 47 25.23 14.18 -21.48
CA THR C 47 25.01 14.75 -22.79
C THR C 47 24.03 13.95 -23.61
N LYS C 48 23.25 13.09 -22.97
CA LYS C 48 22.29 12.24 -23.68
C LYS C 48 21.28 13.08 -24.43
N GLY C 49 21.18 12.85 -25.73
CA GLY C 49 20.21 13.55 -26.55
C GLY C 49 20.67 14.92 -27.01
N LYS C 50 21.85 15.31 -26.56
CA LYS C 50 22.49 16.54 -27.02
C LYS C 50 23.72 16.23 -27.86
N LYS C 51 24.12 17.16 -28.70
CA LYS C 51 25.33 17.01 -29.50
C LYS C 51 26.47 17.77 -28.85
N ALA C 52 27.39 17.06 -28.20
CA ALA C 52 28.42 17.73 -27.43
C ALA C 52 29.82 17.60 -28.06
N VAL C 53 30.69 18.58 -27.82
CA VAL C 53 32.11 18.40 -28.12
C VAL C 53 32.96 18.80 -26.93
N ASP C 54 33.75 17.85 -26.49
CA ASP C 54 34.75 18.06 -25.46
C ASP C 54 36.01 18.59 -26.16
N LEU C 55 36.45 19.79 -25.78
CA LEU C 55 37.57 20.41 -26.49
C LEU C 55 38.89 19.93 -25.89
N GLY C 56 38.82 19.24 -24.77
CA GLY C 56 40.01 18.80 -24.11
C GLY C 56 41.04 19.90 -24.02
N SER C 57 42.23 19.64 -24.55
CA SER C 57 43.39 20.55 -24.49
C SER C 57 43.28 21.79 -25.38
N CYS C 58 42.21 21.84 -26.17
CA CYS C 58 41.98 22.88 -27.15
C CYS C 58 41.19 24.07 -26.63
N GLY C 59 41.84 25.15 -26.22
CA GLY C 59 41.12 26.35 -25.84
C GLY C 59 40.18 26.83 -26.92
N ILE C 60 38.98 27.28 -26.54
CA ILE C 60 37.91 27.55 -27.49
C ILE C 60 38.26 28.61 -28.57
N LEU C 61 39.06 29.60 -28.22
CA LEU C 61 39.47 30.60 -29.19
C LEU C 61 40.43 29.98 -30.21
N GLY C 62 40.99 28.82 -29.86
CA GLY C 62 41.89 28.09 -30.72
C GLY C 62 41.26 27.46 -31.94
N THR C 63 39.95 27.23 -31.91
CA THR C 63 39.23 26.65 -33.06
C THR C 63 39.11 27.66 -34.19
N ILE C 64 39.33 28.93 -33.85
CA ILE C 64 39.28 30.01 -34.83
C ILE C 64 40.59 30.09 -35.59
N ILE C 65 41.70 30.22 -34.86
CA ILE C 65 43.00 30.41 -35.49
C ILE C 65 43.70 29.08 -35.83
N GLY C 66 43.61 28.06 -34.98
CA GLY C 66 44.05 26.73 -35.35
C GLY C 66 45.47 26.28 -35.02
N PRO C 67 45.81 26.25 -33.74
CA PRO C 67 47.07 25.65 -33.32
C PRO C 67 46.94 24.12 -33.43
N PRO C 68 48.06 23.36 -33.30
CA PRO C 68 47.99 21.91 -33.52
C PRO C 68 46.97 21.17 -32.66
N GLN C 69 46.81 21.59 -31.41
CA GLN C 69 45.96 20.92 -30.43
C GLN C 69 44.47 21.03 -30.74
N CYS C 70 44.15 21.88 -31.70
CA CYS C 70 42.78 22.23 -31.98
C CYS C 70 42.51 21.78 -33.36
N ASP C 71 43.13 20.68 -33.77
CA ASP C 71 43.07 20.28 -35.17
C ASP C 71 41.73 19.66 -35.53
N LEU C 72 41.12 18.96 -34.59
CA LEU C 72 39.88 18.20 -34.86
C LEU C 72 38.60 19.02 -34.69
N HIS C 73 38.75 20.29 -34.31
CA HIS C 73 37.61 21.15 -34.03
C HIS C 73 37.66 22.42 -34.86
N LEU C 74 38.28 22.41 -36.03
CA LEU C 74 38.39 23.64 -36.82
C LEU C 74 37.00 24.02 -37.33
N GLU C 75 36.21 22.99 -37.62
CA GLU C 75 34.82 23.15 -37.92
C GLU C 75 34.10 22.18 -37.01
N PHE C 76 33.18 22.66 -36.22
CA PHE C 76 32.56 21.76 -35.28
C PHE C 76 31.13 22.19 -35.12
N LYS C 77 30.29 21.23 -34.74
CA LYS C 77 28.88 21.48 -34.65
C LYS C 77 28.48 20.99 -33.28
N ALA C 78 27.94 21.89 -32.46
CA ALA C 78 27.63 21.49 -31.10
C ALA C 78 26.46 22.26 -30.50
N ASP C 79 25.68 21.55 -29.69
CA ASP C 79 24.70 22.17 -28.80
C ASP C 79 25.39 22.49 -27.50
N LEU C 80 26.25 21.59 -27.07
CA LEU C 80 26.94 21.73 -25.79
C LEU C 80 28.47 21.76 -26.01
N ILE C 81 29.12 22.80 -25.52
CA ILE C 81 30.54 22.97 -25.71
C ILE C 81 31.28 22.98 -24.38
N ILE C 82 32.14 21.99 -24.17
CA ILE C 82 32.89 21.77 -22.92
C ILE C 82 34.39 22.19 -22.96
N GLU C 83 34.70 23.33 -22.39
CA GLU C 83 36.07 23.80 -22.23
C GLU C 83 36.74 23.10 -21.06
N ARG C 84 38.05 22.93 -21.13
CA ARG C 84 38.79 22.33 -20.04
C ARG C 84 39.77 23.30 -19.41
N ARG C 85 40.40 22.90 -18.31
CA ARG C 85 41.25 23.80 -17.56
C ARG C 85 42.62 24.03 -18.20
N ASN C 86 43.32 22.93 -18.43
CA ASN C 86 44.70 23.05 -18.90
C ASN C 86 44.78 23.49 -20.37
N SER C 87 43.61 23.72 -20.99
CA SER C 87 43.52 24.14 -22.38
C SER C 87 44.33 25.39 -22.71
N SER C 88 44.66 25.57 -23.99
CA SER C 88 45.35 26.76 -24.47
C SER C 88 44.86 27.20 -25.83
N ASP C 89 44.55 28.47 -25.99
CA ASP C 89 44.12 29.03 -27.25
C ASP C 89 45.19 29.06 -28.35
N ILE C 90 46.44 29.27 -27.94
CA ILE C 90 47.55 29.43 -28.88
C ILE C 90 48.78 28.54 -28.67
N CYS C 91 49.62 28.46 -29.69
CA CYS C 91 50.90 27.73 -29.62
C CYS C 91 52.17 28.61 -29.62
N TYR C 92 52.14 29.66 -30.43
CA TYR C 92 53.14 30.72 -30.42
C TYR C 92 52.60 31.73 -29.41
N PRO C 93 53.43 32.11 -28.41
CA PRO C 93 53.03 32.93 -27.27
C PRO C 93 52.39 34.26 -27.68
N GLY C 94 51.35 34.68 -26.97
CA GLY C 94 50.60 35.86 -27.33
C GLY C 94 49.15 35.70 -26.97
N ARG C 95 48.40 36.78 -26.98
CA ARG C 95 46.98 36.72 -26.58
C ARG C 95 46.05 37.48 -27.50
N PHE C 96 44.75 37.22 -27.32
CA PHE C 96 43.68 37.86 -28.09
C PHE C 96 43.35 39.24 -27.53
N THR C 97 42.96 40.16 -28.39
CA THR C 97 42.47 41.43 -27.92
C THR C 97 40.98 41.24 -27.60
N ASN C 98 40.52 41.78 -26.46
CA ASN C 98 39.12 41.62 -26.04
C ASN C 98 38.71 40.15 -26.13
N GLU C 99 39.37 39.30 -25.35
CA GLU C 99 39.22 37.86 -25.50
C GLU C 99 37.89 37.35 -25.00
N GLU C 100 37.61 37.59 -23.72
CA GLU C 100 36.46 37.02 -23.03
C GLU C 100 35.13 37.24 -23.73
N ALA C 101 35.03 38.28 -24.56
CA ALA C 101 33.80 38.49 -25.29
C ALA C 101 33.81 37.77 -26.63
N LEU C 102 34.97 37.22 -27.02
CA LEU C 102 35.04 36.41 -28.23
C LEU C 102 34.76 34.95 -27.87
N ARG C 103 35.15 34.56 -26.67
CA ARG C 103 34.79 33.26 -26.17
C ARG C 103 33.28 33.17 -26.11
N GLN C 104 32.66 33.99 -25.24
CA GLN C 104 31.21 34.04 -25.03
C GLN C 104 30.43 33.99 -26.33
N ILE C 105 31.04 34.45 -27.42
CA ILE C 105 30.43 34.39 -28.75
C ILE C 105 30.46 32.95 -29.32
N ILE C 106 31.65 32.33 -29.38
CA ILE C 106 31.81 30.99 -29.98
C ILE C 106 31.08 29.91 -29.14
N ARG C 107 30.99 30.17 -27.84
CA ARG C 107 30.30 29.31 -26.88
C ARG C 107 28.84 29.13 -27.24
N GLU C 108 28.20 30.19 -27.71
CA GLU C 108 26.78 30.13 -28.01
C GLU C 108 26.49 30.08 -29.50
N SER C 109 27.53 29.83 -30.29
CA SER C 109 27.47 29.79 -31.75
C SER C 109 26.73 28.58 -32.33
N GLY C 110 26.80 27.46 -31.64
CA GLY C 110 26.28 26.21 -32.19
C GLY C 110 27.35 25.48 -32.96
N GLY C 111 28.55 26.05 -32.93
CA GLY C 111 29.65 25.57 -33.75
C GLY C 111 30.04 26.62 -34.75
N ILE C 112 31.17 26.42 -35.43
CA ILE C 112 31.63 27.38 -36.40
C ILE C 112 31.82 26.74 -37.75
N ASP C 113 31.56 27.50 -38.80
CA ASP C 113 31.85 27.10 -40.16
C ASP C 113 33.08 27.87 -40.67
N LYS C 114 33.86 27.27 -41.55
CA LYS C 114 35.01 27.98 -42.10
C LYS C 114 34.98 28.02 -43.63
N GLU C 115 35.47 29.12 -44.20
CA GLU C 115 35.56 29.32 -45.65
C GLU C 115 36.79 30.17 -46.00
N SER C 116 37.41 29.90 -47.17
CA SER C 116 38.56 30.68 -47.60
C SER C 116 38.21 32.13 -47.86
N MET C 117 39.13 33.04 -47.55
CA MET C 117 38.94 34.47 -47.76
C MET C 117 39.50 34.98 -49.10
N GLY C 118 40.00 34.08 -49.94
CA GLY C 118 40.46 34.40 -51.29
C GLY C 118 41.89 34.94 -51.48
N PHE C 119 42.52 35.40 -50.41
CA PHE C 119 43.83 36.05 -50.46
C PHE C 119 44.93 35.24 -51.18
N ARG C 120 45.48 35.80 -52.24
CA ARG C 120 46.70 35.27 -52.85
C ARG C 120 47.85 36.27 -52.72
N TYR C 121 49.08 35.78 -52.80
CA TYR C 121 50.25 36.61 -52.54
C TYR C 121 51.26 36.58 -53.69
N SER C 122 52.22 37.52 -53.68
CA SER C 122 53.23 37.66 -54.75
C SER C 122 54.61 38.16 -54.25
N GLY C 123 55.65 37.34 -54.37
CA GLY C 123 57.00 37.78 -54.03
C GLY C 123 57.30 37.93 -52.55
N ILE C 124 56.68 37.07 -51.75
CA ILE C 124 56.75 37.13 -50.30
C ILE C 124 57.02 35.73 -49.75
N ARG C 125 57.54 35.63 -48.54
CA ARG C 125 57.44 34.35 -47.83
C ARG C 125 56.08 34.32 -47.05
N THR C 126 55.27 33.31 -47.36
CA THR C 126 53.95 33.14 -46.74
C THR C 126 53.91 31.88 -45.86
N ASP C 127 54.97 31.08 -45.92
CA ASP C 127 55.01 29.78 -45.28
C ASP C 127 55.77 29.79 -43.97
N GLY C 128 55.76 30.93 -43.31
CA GLY C 128 56.46 31.09 -42.06
C GLY C 128 55.98 30.07 -41.04
N ALA C 129 56.93 29.38 -40.44
CA ALA C 129 56.66 28.36 -39.44
C ALA C 129 57.39 28.70 -38.14
N THR C 130 57.25 27.85 -37.12
CA THR C 130 57.79 28.09 -35.78
C THR C 130 57.80 26.79 -34.98
N SER C 131 58.83 26.58 -34.16
CA SER C 131 58.92 25.36 -33.36
C SER C 131 57.85 25.38 -32.27
N ALA C 132 57.17 26.52 -32.14
CA ALA C 132 56.08 26.68 -31.18
C ALA C 132 54.81 25.91 -31.62
N CYS C 133 54.60 25.81 -32.94
CA CYS C 133 53.50 25.08 -33.54
C CYS C 133 53.90 23.73 -34.15
N LYS C 134 54.47 22.85 -33.33
CA LYS C 134 54.95 21.59 -33.85
C LYS C 134 53.82 20.72 -34.37
N ARG C 135 54.03 20.10 -35.52
CA ARG C 135 53.16 19.04 -35.97
C ARG C 135 54.03 17.87 -36.31
N THR C 136 54.08 17.50 -37.57
CA THR C 136 55.11 16.60 -38.06
C THR C 136 56.45 17.37 -38.02
N VAL C 137 56.47 18.57 -38.60
CA VAL C 137 57.59 19.51 -38.46
C VAL C 137 57.13 20.86 -37.90
N SER C 138 58.00 21.86 -37.94
CA SER C 138 57.61 23.18 -37.49
C SER C 138 56.52 23.68 -38.42
N SER C 139 55.49 24.27 -37.82
CA SER C 139 54.27 24.57 -38.52
C SER C 139 53.78 25.92 -38.01
N PHE C 140 52.48 26.15 -38.15
CA PHE C 140 51.88 27.40 -37.75
C PHE C 140 50.34 27.20 -37.66
N TYR C 141 49.64 28.15 -37.03
CA TYR C 141 48.20 28.20 -37.09
C TYR C 141 47.67 27.86 -38.48
N SER C 142 46.78 26.89 -38.59
CA SER C 142 46.38 26.38 -39.89
C SER C 142 45.38 27.24 -40.65
N GLU C 143 44.83 28.26 -40.00
CA GLU C 143 43.89 29.17 -40.65
C GLU C 143 44.55 30.53 -40.95
N MET C 144 45.85 30.63 -40.63
CA MET C 144 46.64 31.86 -40.80
C MET C 144 47.88 31.65 -41.69
N LYS C 145 48.30 32.71 -42.38
CA LYS C 145 49.58 32.74 -43.11
C LYS C 145 50.56 33.73 -42.45
N TRP C 146 51.74 33.25 -42.04
CA TRP C 146 52.79 34.15 -41.56
C TRP C 146 53.56 34.79 -42.72
N LEU C 147 53.52 36.12 -42.82
CA LEU C 147 54.09 36.81 -43.98
C LEU C 147 55.44 37.52 -43.71
N SER C 148 56.51 36.99 -44.30
CA SER C 148 57.86 37.55 -44.18
C SER C 148 58.41 37.98 -45.57
N SER C 149 59.69 38.35 -45.67
CA SER C 149 60.16 39.09 -46.85
C SER C 149 60.64 38.28 -48.07
N SER C 150 60.96 37.00 -47.89
CA SER C 150 61.44 36.07 -48.96
C SER C 150 62.94 36.17 -49.22
N MET C 151 63.55 37.11 -48.53
CA MET C 151 65.00 37.27 -48.49
C MET C 151 65.30 38.07 -47.24
N ASN C 152 66.13 37.52 -46.37
CA ASN C 152 66.52 38.20 -45.14
C ASN C 152 66.93 39.67 -45.37
N ASN C 153 66.44 40.54 -44.50
CA ASN C 153 66.74 41.97 -44.49
C ASN C 153 66.18 42.79 -45.63
N GLN C 154 65.71 42.13 -46.69
CA GLN C 154 64.95 42.81 -47.73
C GLN C 154 63.79 43.54 -47.08
N VAL C 155 63.53 44.79 -47.50
CA VAL C 155 62.40 45.52 -46.91
C VAL C 155 61.07 44.96 -47.44
N PHE C 156 60.10 44.82 -46.54
CA PHE C 156 58.82 44.21 -46.89
C PHE C 156 57.95 45.23 -47.62
N PRO C 157 57.27 44.79 -48.71
CA PRO C 157 56.39 45.58 -49.59
C PRO C 157 55.20 46.19 -48.88
N GLN C 158 54.64 47.25 -49.45
CA GLN C 158 53.34 47.75 -49.00
C GLN C 158 52.21 47.05 -49.76
N LEU C 159 51.42 46.24 -49.07
CA LEU C 159 50.31 45.56 -49.73
C LEU C 159 48.95 45.94 -49.15
N ASN C 160 47.91 45.77 -49.97
CA ASN C 160 46.54 45.99 -49.54
C ASN C 160 45.71 44.76 -49.87
N GLN C 161 44.79 44.42 -48.98
CA GLN C 161 43.88 43.31 -49.19
C GLN C 161 42.47 43.69 -48.81
N THR C 162 41.52 43.28 -49.64
CA THR C 162 40.11 43.39 -49.31
C THR C 162 39.47 42.02 -49.38
N TYR C 163 38.58 41.75 -48.44
CA TYR C 163 37.67 40.60 -48.51
C TYR C 163 36.26 41.11 -48.35
N ARG C 164 35.35 40.56 -49.16
CA ARG C 164 33.95 40.97 -49.04
C ARG C 164 33.03 39.87 -48.48
N ASN C 165 32.36 40.20 -47.38
CA ASN C 165 31.36 39.31 -46.77
C ASN C 165 30.21 39.09 -47.74
N THR C 166 30.17 37.90 -48.35
CA THR C 166 29.17 37.55 -49.33
C THR C 166 27.91 37.04 -48.62
N ARG C 167 28.11 36.34 -47.50
CA ARG C 167 27.02 35.65 -46.83
C ARG C 167 26.13 36.55 -45.96
N LYS C 168 24.90 36.08 -45.71
CA LYS C 168 23.88 36.84 -44.98
C LYS C 168 24.04 36.86 -43.44
N GLU C 169 25.26 36.67 -42.95
CA GLU C 169 25.52 36.33 -41.55
C GLU C 169 26.87 36.94 -41.19
N PRO C 170 26.91 37.75 -40.13
CA PRO C 170 28.19 38.38 -39.82
C PRO C 170 29.35 37.36 -39.73
N ALA C 171 30.51 37.74 -40.27
CA ALA C 171 31.69 36.85 -40.38
C ALA C 171 32.77 37.15 -39.35
N LEU C 172 33.36 36.12 -38.77
CA LEU C 172 34.48 36.36 -37.88
C LEU C 172 35.82 36.45 -38.68
N ILE C 173 36.47 37.60 -38.58
CA ILE C 173 37.75 37.82 -39.23
C ILE C 173 38.81 38.02 -38.15
N VAL C 174 39.89 37.23 -38.21
CA VAL C 174 40.96 37.40 -37.24
C VAL C 174 42.24 37.72 -37.99
N TRP C 175 43.07 38.58 -37.40
CA TRP C 175 44.39 38.89 -37.96
C TRP C 175 45.36 38.99 -36.81
N GLY C 176 46.63 38.89 -37.11
CA GLY C 176 47.63 39.03 -36.08
C GLY C 176 48.65 40.11 -36.40
N VAL C 177 49.42 40.44 -35.37
CA VAL C 177 50.49 41.40 -35.47
C VAL C 177 51.73 40.79 -34.80
N HIS C 178 52.72 40.39 -35.58
CA HIS C 178 53.90 39.82 -34.98
C HIS C 178 54.83 40.88 -34.38
N HIS C 179 55.34 40.58 -33.19
CA HIS C 179 56.21 41.45 -32.41
C HIS C 179 57.57 40.78 -32.25
N SER C 180 58.56 41.19 -33.01
CA SER C 180 59.84 40.51 -33.04
C SER C 180 60.56 40.55 -31.69
N SER C 181 61.47 39.61 -31.49
CA SER C 181 62.17 39.47 -30.21
C SER C 181 63.07 40.67 -29.90
N SER C 182 63.55 41.36 -30.94
CA SER C 182 64.32 42.59 -30.79
C SER C 182 64.22 43.34 -32.10
N LEU C 183 64.74 44.57 -32.15
CA LEU C 183 64.60 45.37 -33.36
C LEU C 183 65.50 44.83 -34.50
N ASP C 184 66.55 44.12 -34.14
CA ASP C 184 67.33 43.44 -35.14
C ASP C 184 66.58 42.33 -35.88
N GLU C 185 65.94 41.45 -35.13
CA GLU C 185 65.13 40.39 -35.71
C GLU C 185 63.97 40.88 -36.60
N GLN C 186 63.38 42.03 -36.27
CA GLN C 186 62.34 42.60 -37.11
C GLN C 186 62.97 42.91 -38.45
N ASN C 187 64.12 43.57 -38.39
CA ASN C 187 64.89 43.96 -39.57
C ASN C 187 65.16 42.75 -40.45
N LYS C 188 65.56 41.64 -39.82
CA LYS C 188 65.81 40.42 -40.56
C LYS C 188 64.58 39.94 -41.32
N LEU C 189 63.43 39.95 -40.65
CA LEU C 189 62.20 39.38 -41.22
C LEU C 189 61.45 40.36 -42.11
N TYR C 190 61.37 41.63 -41.71
CA TYR C 190 60.54 42.57 -42.46
C TYR C 190 61.37 43.74 -43.06
N GLY C 191 62.69 43.66 -42.94
CA GLY C 191 63.53 44.75 -43.41
C GLY C 191 63.54 45.87 -42.40
N THR C 192 64.16 46.99 -42.79
CA THR C 192 64.36 48.11 -41.89
C THR C 192 63.26 49.16 -42.08
N GLY C 193 63.07 50.03 -41.09
CA GLY C 193 62.11 51.10 -41.23
C GLY C 193 60.90 51.04 -40.33
N ASN C 194 59.87 51.82 -40.70
CA ASN C 194 58.64 51.95 -39.92
C ASN C 194 57.53 51.03 -40.39
N LYS C 195 56.92 50.34 -39.43
CA LYS C 195 55.95 49.29 -39.74
C LYS C 195 54.54 49.69 -39.29
N LEU C 196 53.60 49.61 -40.23
CA LEU C 196 52.21 49.95 -39.96
C LEU C 196 51.24 48.97 -40.61
N ILE C 197 50.33 48.45 -39.79
CA ILE C 197 49.21 47.62 -40.24
C ILE C 197 47.91 48.40 -40.03
N THR C 198 47.07 48.51 -41.05
CA THR C 198 45.78 49.19 -40.86
C THR C 198 44.63 48.31 -41.37
N VAL C 199 43.60 48.22 -40.53
CA VAL C 199 42.43 47.39 -40.79
C VAL C 199 41.19 48.27 -40.95
N GLY C 200 40.51 48.10 -42.08
CA GLY C 200 39.43 48.98 -42.47
C GLY C 200 38.15 48.27 -42.81
N SER C 201 37.17 48.45 -41.93
CA SER C 201 35.81 47.98 -42.14
C SER C 201 34.92 49.19 -42.44
N SER C 202 33.62 48.96 -42.63
CA SER C 202 32.66 50.07 -42.75
C SER C 202 32.13 50.58 -41.41
N LYS C 203 32.47 49.87 -40.34
CA LYS C 203 32.19 50.29 -38.96
C LYS C 203 33.49 50.42 -38.16
N TYR C 204 34.44 49.55 -38.49
CA TYR C 204 35.74 49.44 -37.82
C TYR C 204 36.84 50.13 -38.67
N GLN C 205 37.79 50.78 -37.97
CA GLN C 205 39.07 51.19 -38.57
C GLN C 205 40.13 51.38 -37.47
N GLN C 206 41.17 50.56 -37.52
CA GLN C 206 42.21 50.63 -36.50
C GLN C 206 43.56 50.37 -37.13
N SER C 207 44.63 50.87 -36.50
CA SER C 207 46.00 50.69 -37.01
C SER C 207 46.96 50.19 -35.93
N PHE C 208 47.82 49.24 -36.31
CA PHE C 208 48.68 48.59 -35.34
C PHE C 208 50.13 48.68 -35.81
N SER C 209 51.04 48.98 -34.90
CA SER C 209 52.45 48.89 -35.22
C SER C 209 53.09 47.89 -34.26
N PRO C 210 54.02 47.07 -34.78
CA PRO C 210 54.75 46.15 -33.91
C PRO C 210 55.48 46.92 -32.86
N SER C 211 55.76 46.29 -31.72
CA SER C 211 56.62 46.92 -30.72
C SER C 211 57.72 45.95 -30.26
N PRO C 212 58.77 45.80 -31.09
CA PRO C 212 59.85 44.85 -30.88
C PRO C 212 60.55 45.05 -29.55
N GLY C 213 61.09 43.99 -28.96
CA GLY C 213 61.72 44.09 -27.66
C GLY C 213 61.91 42.78 -26.92
N ALA C 214 62.88 42.75 -26.01
CA ALA C 214 63.17 41.54 -25.23
C ALA C 214 62.07 41.24 -24.23
N ARG C 215 61.47 40.06 -24.39
CA ARG C 215 60.42 39.56 -23.52
C ARG C 215 60.88 38.24 -22.88
N PRO C 216 60.12 37.72 -21.90
CA PRO C 216 60.49 36.40 -21.37
C PRO C 216 60.25 35.31 -22.41
N LYS C 217 61.08 34.28 -22.39
CA LYS C 217 60.94 33.17 -23.33
C LYS C 217 59.78 32.24 -22.88
N VAL C 218 58.74 32.11 -23.71
CA VAL C 218 57.62 31.20 -23.44
C VAL C 218 57.35 30.26 -24.61
N ASN C 219 57.26 28.96 -24.33
CA ASN C 219 57.16 27.94 -25.38
C ASN C 219 58.39 28.00 -26.31
N GLY C 220 59.49 28.53 -25.78
CA GLY C 220 60.75 28.63 -26.52
C GLY C 220 60.94 29.93 -27.28
N GLN C 221 59.91 30.77 -27.31
CA GLN C 221 59.95 31.98 -28.12
C GLN C 221 59.83 33.26 -27.31
N ALA C 222 60.63 34.27 -27.64
CA ALA C 222 60.57 35.56 -26.97
C ALA C 222 59.81 36.62 -27.79
N GLY C 223 59.49 36.30 -29.04
CA GLY C 223 58.59 37.16 -29.79
C GLY C 223 57.16 36.89 -29.34
N ARG C 224 56.20 37.66 -29.88
CA ARG C 224 54.78 37.43 -29.57
C ARG C 224 53.97 37.65 -30.83
N ILE C 225 52.83 36.99 -30.91
CA ILE C 225 51.82 37.30 -31.93
C ILE C 225 50.53 37.60 -31.19
N ASP C 226 49.92 38.72 -31.55
CA ASP C 226 48.71 39.20 -30.90
C ASP C 226 47.58 39.21 -31.90
N PHE C 227 46.48 38.55 -31.53
CA PHE C 227 45.38 38.43 -32.46
C PHE C 227 44.29 39.44 -32.18
N HIS C 228 43.80 40.03 -33.25
CA HIS C 228 42.71 40.98 -33.15
C HIS C 228 41.58 40.53 -34.08
N TRP C 229 40.35 40.84 -33.70
CA TRP C 229 39.21 40.41 -34.49
C TRP C 229 38.12 41.47 -34.67
N MET C 230 37.14 41.13 -35.49
CA MET C 230 36.05 42.03 -35.80
C MET C 230 34.92 41.19 -36.34
N LEU C 231 33.71 41.75 -36.34
CA LEU C 231 32.59 41.08 -36.99
C LEU C 231 32.15 41.85 -38.24
N LEU C 232 32.13 41.15 -39.37
CA LEU C 232 31.84 41.78 -40.65
C LEU C 232 30.41 41.53 -41.10
N ASP C 233 29.58 42.59 -41.08
CA ASP C 233 28.20 42.56 -41.58
C ASP C 233 28.09 41.96 -42.98
N PRO C 234 26.92 41.42 -43.33
CA PRO C 234 26.75 40.94 -44.70
C PRO C 234 26.99 42.05 -45.73
N GLY C 235 27.70 41.76 -46.82
CA GLY C 235 27.91 42.73 -47.89
C GLY C 235 28.95 43.79 -47.60
N ASP C 236 29.52 43.75 -46.41
CA ASP C 236 30.57 44.66 -45.98
C ASP C 236 31.96 44.21 -46.49
N THR C 237 32.91 45.15 -46.59
CA THR C 237 34.28 44.77 -46.90
C THR C 237 35.22 45.15 -45.77
N VAL C 238 36.11 44.22 -45.45
CA VAL C 238 37.25 44.49 -44.60
C VAL C 238 38.46 44.71 -45.53
N THR C 239 39.28 45.70 -45.20
CA THR C 239 40.46 46.08 -45.99
C THR C 239 41.72 45.96 -45.15
N PHE C 240 42.62 45.06 -45.55
CA PHE C 240 43.90 44.88 -44.89
C PHE C 240 44.99 45.65 -45.64
N THR C 241 45.68 46.54 -44.94
CA THR C 241 46.81 47.26 -45.55
C THR C 241 47.98 47.22 -44.58
N PHE C 242 49.17 46.89 -45.10
CA PHE C 242 50.29 46.50 -44.23
C PHE C 242 51.64 46.43 -44.96
N ASN C 243 52.71 46.71 -44.21
CA ASN C 243 54.07 46.63 -44.73
C ASN C 243 54.99 45.75 -43.88
N GLY C 244 54.40 44.82 -43.14
CA GLY C 244 55.17 43.91 -42.28
C GLY C 244 54.50 43.54 -40.96
N ALA C 245 55.09 42.54 -40.31
CA ALA C 245 54.63 42.06 -39.02
C ALA C 245 53.20 41.55 -39.07
N PHE C 246 52.73 41.19 -40.26
CA PHE C 246 51.33 40.84 -40.45
C PHE C 246 51.12 39.35 -40.48
N ILE C 247 50.29 38.85 -39.55
CA ILE C 247 49.77 37.49 -39.56
C ILE C 247 48.36 37.54 -40.13
N ALA C 248 48.18 36.99 -41.32
CA ALA C 248 46.98 37.18 -42.13
C ALA C 248 46.03 36.00 -42.07
N PRO C 249 44.71 36.26 -42.18
CA PRO C 249 43.70 35.21 -42.24
C PRO C 249 43.58 34.53 -43.59
N ASP C 250 43.64 33.21 -43.60
CA ASP C 250 43.37 32.45 -44.81
C ASP C 250 41.90 31.97 -44.91
N ARG C 251 41.21 31.86 -43.77
CA ARG C 251 39.81 31.45 -43.78
C ARG C 251 38.99 32.35 -42.88
N ALA C 252 37.69 32.43 -43.12
CA ALA C 252 36.78 33.22 -42.29
C ALA C 252 35.85 32.32 -41.49
N THR C 253 35.62 32.67 -40.22
CA THR C 253 34.72 31.89 -39.38
C THR C 253 33.29 32.43 -39.46
N PHE C 254 32.35 31.53 -39.73
CA PHE C 254 30.92 31.82 -39.67
C PHE C 254 30.26 31.00 -38.58
N LEU C 255 29.44 31.63 -37.76
CA LEU C 255 28.75 30.87 -36.72
C LEU C 255 27.63 30.02 -37.36
N ARG C 256 27.35 28.86 -36.77
CA ARG C 256 26.40 27.93 -37.39
C ARG C 256 24.94 28.28 -37.09
N SER C 257 24.69 29.08 -36.06
CA SER C 257 23.31 29.42 -35.73
C SER C 257 22.87 30.66 -36.52
N ASN C 258 23.40 30.80 -37.74
CA ASN C 258 23.08 31.94 -38.59
C ASN C 258 22.79 31.54 -40.03
N ALA C 259 22.90 30.25 -40.33
CA ALA C 259 22.65 29.73 -41.69
C ALA C 259 21.16 29.79 -42.08
N ILE C 263 22.16 22.56 -44.33
CA ILE C 263 22.25 21.79 -43.10
C ILE C 263 23.63 21.96 -42.44
N GLU C 264 24.29 23.07 -42.77
CA GLU C 264 25.46 23.51 -42.04
C GLU C 264 24.99 24.18 -40.75
N TYR C 265 23.66 24.26 -40.61
CA TYR C 265 22.98 24.91 -39.47
C TYR C 265 22.89 24.01 -38.24
N ASN C 266 23.06 24.63 -37.07
CA ASN C 266 22.86 23.97 -35.79
C ASN C 266 22.62 25.04 -34.73
N GLY C 267 21.37 25.22 -34.31
CA GLY C 267 21.00 26.34 -33.46
C GLY C 267 21.84 26.56 -32.21
N LYS C 268 21.74 27.76 -31.61
CA LYS C 268 22.49 28.18 -30.40
C LYS C 268 23.06 27.06 -29.56
N SER C 269 24.06 27.41 -28.77
CA SER C 269 24.67 26.44 -27.88
C SER C 269 24.95 27.00 -26.51
N LEU C 270 25.29 26.12 -25.60
CA LEU C 270 25.66 26.51 -24.27
C LEU C 270 27.09 26.07 -24.12
N GLY C 271 27.91 26.88 -23.45
CA GLY C 271 29.30 26.56 -23.28
C GLY C 271 29.64 26.42 -21.81
N ILE C 272 29.82 25.19 -21.35
CA ILE C 272 30.12 24.96 -19.96
C ILE C 272 31.62 24.81 -19.75
N GLN C 273 32.10 25.11 -18.54
CA GLN C 273 33.45 24.80 -18.15
C GLN C 273 33.39 23.72 -17.08
N SER C 274 34.01 22.58 -17.31
CA SER C 274 33.84 21.44 -16.42
C SER C 274 35.06 20.55 -16.37
N ASP C 275 35.27 19.92 -15.23
CA ASP C 275 36.37 18.98 -15.02
C ASP C 275 35.94 17.52 -15.15
N ALA C 276 34.75 17.28 -15.69
CA ALA C 276 34.10 15.98 -15.57
C ALA C 276 34.05 15.19 -16.86
N GLN C 277 34.20 13.88 -16.74
CA GLN C 277 34.05 12.99 -17.87
C GLN C 277 32.69 13.18 -18.48
N ILE C 278 32.54 12.89 -19.77
CA ILE C 278 31.26 12.90 -20.44
C ILE C 278 30.59 11.56 -20.27
N ASP C 279 29.27 11.59 -20.07
CA ASP C 279 28.43 10.42 -20.02
C ASP C 279 27.23 10.67 -20.97
N GLU C 280 27.11 9.89 -22.04
CA GLU C 280 26.05 10.03 -23.02
C GLU C 280 24.83 9.16 -22.65
N SER C 281 24.91 8.48 -21.51
CA SER C 281 23.83 7.60 -21.07
C SER C 281 22.84 8.28 -20.07
N CYS C 282 23.19 9.44 -19.55
CA CYS C 282 22.33 10.19 -18.64
C CYS C 282 21.98 11.53 -19.28
N GLU C 283 20.79 12.06 -18.95
CA GLU C 283 20.29 13.33 -19.49
C GLU C 283 20.49 14.46 -18.52
N GLY C 284 20.89 15.63 -19.00
CA GLY C 284 21.11 16.80 -18.16
C GLY C 284 20.91 18.14 -18.86
N GLU C 285 20.51 19.16 -18.10
CA GLU C 285 20.18 20.49 -18.64
C GLU C 285 20.95 21.57 -17.90
N CYS C 286 21.48 21.21 -16.74
CA CYS C 286 22.13 22.14 -15.85
C CYS C 286 23.48 21.55 -15.54
N PHE C 287 24.53 22.36 -15.66
CA PHE C 287 25.92 21.89 -15.58
C PHE C 287 26.78 22.82 -14.74
N TYR C 288 27.63 22.27 -13.90
CA TYR C 288 28.61 23.09 -13.21
C TYR C 288 30.00 22.45 -13.40
N SER C 289 31.02 22.96 -12.74
CA SER C 289 32.36 22.42 -12.95
C SER C 289 32.56 20.98 -12.43
N GLY C 290 31.61 20.49 -11.62
CA GLY C 290 31.75 19.17 -11.02
C GLY C 290 31.01 18.13 -11.82
N GLY C 291 30.27 18.58 -12.82
CA GLY C 291 29.45 17.69 -13.60
C GLY C 291 28.08 18.26 -13.90
N THR C 292 27.02 17.54 -13.51
CA THR C 292 25.66 17.88 -13.90
C THR C 292 24.71 17.92 -12.69
N ILE C 293 23.75 18.85 -12.73
CA ILE C 293 22.65 18.82 -11.77
C ILE C 293 21.37 18.41 -12.47
N ASN C 294 20.84 17.23 -12.13
CA ASN C 294 19.59 16.84 -12.73
C ASN C 294 18.67 16.46 -11.61
N SER C 295 17.94 17.44 -11.14
CA SER C 295 17.18 17.22 -9.94
C SER C 295 15.70 17.54 -10.18
N PRO C 296 14.81 16.86 -9.47
CA PRO C 296 13.40 17.26 -9.39
C PRO C 296 13.17 18.37 -8.36
N LEU C 297 14.24 18.90 -7.78
CA LEU C 297 14.07 19.79 -6.63
C LEU C 297 14.17 21.24 -7.09
N PRO C 298 13.43 22.14 -6.43
CA PRO C 298 13.42 23.49 -6.96
C PRO C 298 14.68 24.28 -6.66
N PHE C 299 15.50 23.85 -5.69
CA PHE C 299 16.70 24.60 -5.30
C PHE C 299 17.94 23.72 -5.33
N GLN C 300 19.12 24.33 -5.41
CA GLN C 300 20.36 23.57 -5.26
C GLN C 300 21.37 24.31 -4.38
N ASN C 301 22.25 23.55 -3.73
CA ASN C 301 23.25 24.10 -2.82
C ASN C 301 24.63 23.74 -3.32
N ILE C 302 24.71 23.24 -4.55
CA ILE C 302 25.91 22.60 -5.05
C ILE C 302 26.99 23.58 -5.54
N ASP C 303 26.60 24.46 -6.46
CA ASP C 303 27.47 25.49 -7.03
C ASP C 303 26.67 26.70 -7.48
N SER C 304 27.08 27.88 -7.06
CA SER C 304 26.28 29.06 -7.29
C SER C 304 26.53 29.62 -8.65
N ARG C 305 27.43 28.99 -9.39
CA ARG C 305 27.85 29.45 -10.71
C ARG C 305 27.45 28.47 -11.79
N ALA C 306 26.47 27.61 -11.52
CA ALA C 306 25.92 26.67 -12.48
C ALA C 306 25.25 27.35 -13.66
N VAL C 307 25.23 26.71 -14.82
CA VAL C 307 24.77 27.34 -16.06
C VAL C 307 23.86 26.43 -16.83
N GLY C 308 22.96 27.00 -17.63
CA GLY C 308 21.93 26.25 -18.32
C GLY C 308 20.55 26.43 -17.70
N LYS C 309 19.71 25.40 -17.82
CA LYS C 309 18.39 25.37 -17.19
C LYS C 309 18.49 24.78 -15.79
N CYS C 310 18.56 25.64 -14.79
CA CYS C 310 19.04 25.27 -13.45
C CYS C 310 18.09 25.51 -12.30
N PRO C 311 18.10 24.62 -11.29
CA PRO C 311 17.42 24.93 -10.01
C PRO C 311 18.06 26.17 -9.43
N ARG C 312 17.32 26.95 -8.64
CA ARG C 312 17.84 28.19 -8.08
C ARG C 312 18.89 27.94 -6.98
N TYR C 313 20.04 28.62 -7.03
CA TYR C 313 21.05 28.41 -5.97
C TYR C 313 20.63 29.11 -4.66
N VAL C 314 20.82 28.44 -3.52
CA VAL C 314 20.46 29.04 -2.20
C VAL C 314 21.57 28.71 -1.20
N LYS C 315 21.82 29.55 -0.20
CA LYS C 315 22.79 29.25 0.85
C LYS C 315 22.44 28.05 1.70
N GLN C 316 21.14 27.83 1.91
CA GLN C 316 20.71 26.77 2.80
C GLN C 316 21.05 25.41 2.22
N SER C 317 21.32 24.46 3.10
CA SER C 317 21.52 23.09 2.69
C SER C 317 20.25 22.24 2.93
N SER C 318 19.28 22.80 3.65
CA SER C 318 17.98 22.12 3.80
C SER C 318 16.81 23.05 4.03
N LEU C 319 15.80 22.92 3.18
CA LEU C 319 14.52 23.58 3.41
C LEU C 319 13.40 22.53 3.32
N PRO C 320 13.10 21.83 4.43
CA PRO C 320 12.15 20.70 4.39
C PRO C 320 10.69 21.13 4.12
N LEU C 321 10.07 20.59 3.06
CA LEU C 321 8.68 20.90 2.72
C LEU C 321 7.69 19.84 3.26
N ALA C 322 6.57 20.30 3.84
CA ALA C 322 5.54 19.40 4.36
C ALA C 322 4.65 18.81 3.24
N LEU C 323 4.34 17.52 3.34
CA LEU C 323 3.46 16.88 2.36
C LEU C 323 2.25 16.22 3.03
N GLY C 324 2.09 16.45 4.33
CA GLY C 324 0.97 15.95 5.07
C GLY C 324 0.79 16.79 6.32
N MET C 325 -0.24 16.45 7.10
CA MET C 325 -0.71 17.33 8.15
C MET C 325 0.17 17.34 9.37
N LYS C 326 -0.09 18.27 10.26
CA LYS C 326 0.59 18.33 11.55
C LYS C 326 0.33 17.06 12.35
N ASN C 327 1.42 16.49 12.86
CA ASN C 327 1.34 15.19 13.52
C ASN C 327 1.05 15.35 14.97
N VAL C 328 -0.09 14.79 15.38
CA VAL C 328 -0.55 14.86 16.76
C VAL C 328 -0.59 13.44 17.30
N PRO C 329 0.41 13.10 18.13
CA PRO C 329 0.55 11.71 18.57
C PRO C 329 -0.62 11.33 19.50
N GLU C 330 -0.96 10.05 19.55
CA GLU C 330 -2.16 9.60 20.25
C GLU C 330 -1.94 9.57 21.76
N LYS C 331 -3.05 9.70 22.49
CA LYS C 331 -3.07 9.76 23.94
C LYS C 331 -3.56 8.46 24.57
N ILE C 332 -3.02 8.19 25.77
CA ILE C 332 -3.36 7.05 26.61
C ILE C 332 -4.88 6.81 26.80
N GLY D 7 -10.68 1.97 27.14
CA GLY D 7 -11.40 1.56 25.94
C GLY D 7 -12.44 2.56 25.40
N ALA D 8 -12.36 3.83 25.81
CA ALA D 8 -13.27 4.88 25.31
C ALA D 8 -12.67 5.54 24.06
N ILE D 9 -13.51 6.06 23.17
CA ILE D 9 -13.05 6.61 21.91
C ILE D 9 -13.22 8.11 21.86
N ALA D 10 -12.30 8.79 21.17
CA ALA D 10 -12.17 10.24 21.19
C ALA D 10 -11.81 10.75 19.81
N GLY D 11 -12.13 11.99 19.51
CA GLY D 11 -11.89 12.43 18.16
C GLY D 11 -10.70 13.33 18.03
N PHE D 12 -10.78 14.24 17.07
CA PHE D 12 -9.61 15.02 16.69
C PHE D 12 -9.26 16.14 17.66
N ILE D 13 -10.20 16.55 18.52
CA ILE D 13 -9.96 17.72 19.34
C ILE D 13 -8.77 17.49 20.25
N GLU D 14 -8.56 16.27 20.70
CA GLU D 14 -7.38 16.02 21.53
C GLU D 14 -6.22 15.25 20.85
N ASN D 15 -6.54 14.51 19.80
CA ASN D 15 -5.77 13.34 19.43
C ASN D 15 -5.69 13.10 17.95
N GLY D 16 -4.54 12.62 17.48
CA GLY D 16 -4.46 12.06 16.15
C GLY D 16 -4.64 10.56 16.35
N TRP D 17 -4.98 9.82 15.32
CA TRP D 17 -5.19 8.40 15.48
C TRP D 17 -4.10 7.61 14.79
N GLU D 18 -3.22 6.97 15.57
CA GLU D 18 -2.11 6.21 15.00
C GLU D 18 -2.57 4.95 14.29
N GLY D 19 -3.84 4.62 14.43
CA GLY D 19 -4.38 3.38 13.87
C GLY D 19 -5.28 3.55 12.68
N LEU D 20 -5.40 4.78 12.16
CA LEU D 20 -6.08 5.02 10.88
C LEU D 20 -5.04 4.96 9.75
N ILE D 21 -4.79 3.74 9.26
CA ILE D 21 -3.71 3.48 8.30
C ILE D 21 -4.15 3.43 6.83
N ASP D 22 -5.43 3.62 6.50
CA ASP D 22 -5.89 3.66 5.12
C ASP D 22 -6.61 4.95 4.69
N GLY D 23 -6.35 6.04 5.41
CA GLY D 23 -6.89 7.33 5.03
C GLY D 23 -6.27 8.45 5.85
N TRP D 24 -6.57 9.69 5.48
CA TRP D 24 -6.14 10.85 6.24
C TRP D 24 -7.16 11.23 7.29
N TYR D 25 -8.43 11.19 6.92
CA TYR D 25 -9.52 11.49 7.84
C TYR D 25 -10.43 10.29 7.95
N GLY D 26 -11.22 10.23 9.02
CA GLY D 26 -12.14 9.12 9.21
C GLY D 26 -13.08 9.19 10.39
N PHE D 27 -13.93 8.16 10.47
CA PHE D 27 -14.92 8.00 11.53
C PHE D 27 -14.51 6.85 12.40
N ARG D 28 -14.92 6.91 13.65
CA ARG D 28 -14.78 5.85 14.62
C ARG D 28 -16.06 5.86 15.40
N HIS D 29 -16.64 4.68 15.66
CA HIS D 29 -17.92 4.60 16.38
C HIS D 29 -17.98 3.57 17.50
N GLN D 30 -19.07 3.64 18.24
CA GLN D 30 -19.32 2.90 19.46
C GLN D 30 -20.82 2.62 19.36
N ASN D 31 -21.27 1.39 19.15
CA ASN D 31 -22.66 1.07 19.37
C ASN D 31 -22.77 -0.30 20.05
N ALA D 32 -23.95 -0.94 19.98
CA ALA D 32 -24.11 -2.26 20.60
C ALA D 32 -23.29 -3.31 19.83
N GLN D 33 -23.25 -3.21 18.50
CA GLN D 33 -22.45 -4.12 17.67
C GLN D 33 -20.97 -4.15 18.11
N GLY D 34 -20.50 -3.06 18.69
CA GLY D 34 -19.11 -2.92 19.06
C GLY D 34 -18.50 -1.64 18.50
N GLN D 35 -17.19 -1.67 18.24
CA GLN D 35 -16.42 -0.55 17.66
C GLN D 35 -16.02 -0.76 16.20
N GLY D 36 -15.51 0.28 15.58
CA GLY D 36 -15.06 0.19 14.20
C GLY D 36 -14.42 1.50 13.82
N THR D 37 -13.42 1.47 12.92
CA THR D 37 -12.89 2.67 12.29
C THR D 37 -13.03 2.54 10.78
N ALA D 38 -13.27 3.67 10.10
CA ALA D 38 -13.41 3.68 8.66
C ALA D 38 -12.87 4.98 8.09
N ALA D 39 -11.84 4.89 7.24
CA ALA D 39 -11.35 6.10 6.57
C ALA D 39 -12.42 6.72 5.71
N ASP D 40 -12.23 7.99 5.39
CA ASP D 40 -13.13 8.71 4.50
C ASP D 40 -12.40 9.17 3.21
N TYR D 41 -12.80 8.64 2.06
CA TYR D 41 -12.06 8.83 0.81
C TYR D 41 -12.17 10.27 0.29
N LYS D 42 -13.40 10.78 0.26
CA LYS D 42 -13.65 12.09 -0.35
C LYS D 42 -12.79 13.19 0.30
N SER D 43 -12.75 13.25 1.63
CA SER D 43 -12.04 14.34 2.29
C SER D 43 -10.53 14.06 2.42
N THR D 44 -10.14 12.80 2.24
CA THR D 44 -8.73 12.41 2.23
C THR D 44 -8.13 12.75 0.88
N GLN D 45 -8.93 12.58 -0.16
CA GLN D 45 -8.47 12.79 -1.50
C GLN D 45 -8.45 14.29 -1.78
N ALA D 46 -9.39 15.04 -1.22
CA ALA D 46 -9.39 16.49 -1.40
C ALA D 46 -8.14 17.13 -0.79
N ALA D 47 -7.70 16.59 0.35
CA ALA D 47 -6.50 17.09 1.00
C ALA D 47 -5.26 16.66 0.22
N ILE D 48 -5.24 15.42 -0.27
CA ILE D 48 -4.09 14.94 -1.03
C ILE D 48 -3.93 15.75 -2.31
N ASP D 49 -5.03 16.06 -2.98
CA ASP D 49 -5.00 16.79 -4.25
C ASP D 49 -4.45 18.20 -4.12
N GLN D 50 -4.64 18.84 -2.97
CA GLN D 50 -4.12 20.20 -2.76
C GLN D 50 -2.63 20.21 -2.40
N ILE D 51 -2.10 19.03 -2.12
CA ILE D 51 -0.72 18.89 -1.64
C ILE D 51 0.17 18.23 -2.71
N THR D 52 -0.40 17.34 -3.53
CA THR D 52 0.35 16.92 -4.73
C THR D 52 0.32 18.13 -5.69
N GLY D 53 1.46 18.52 -6.21
CA GLY D 53 1.45 19.73 -7.00
C GLY D 53 2.30 20.80 -6.37
N LYS D 54 2.38 20.80 -5.04
CA LYS D 54 3.50 21.41 -4.34
C LYS D 54 4.75 20.81 -4.95
N LEU D 55 5.91 21.37 -4.67
CA LEU D 55 7.20 20.94 -5.27
C LEU D 55 7.26 21.34 -6.75
N ASN D 56 6.21 21.02 -7.50
CA ASN D 56 6.07 21.53 -8.86
C ASN D 56 5.91 23.05 -8.86
N ARG D 57 5.10 23.56 -7.96
CA ARG D 57 4.85 24.98 -7.89
C ARG D 57 6.05 25.76 -7.35
N LEU D 58 6.98 25.06 -6.70
CA LEU D 58 8.20 25.70 -6.20
C LEU D 58 9.21 25.88 -7.34
N ILE D 59 9.34 24.86 -8.20
CA ILE D 59 9.87 25.02 -9.56
C ILE D 59 8.81 25.92 -10.23
N GLU D 60 8.98 26.35 -11.47
CA GLU D 60 7.93 27.16 -12.11
C GLU D 60 7.97 28.57 -11.51
N LYS D 61 7.86 28.66 -10.19
CA LYS D 61 7.94 29.95 -9.49
C LYS D 61 9.37 30.50 -9.38
N THR D 62 10.36 29.62 -9.22
CA THR D 62 11.72 30.04 -8.91
C THR D 62 12.80 29.57 -9.89
N ASN D 63 12.42 28.90 -10.99
CA ASN D 63 13.42 28.45 -11.99
C ASN D 63 13.57 29.37 -13.22
N LYS D 64 14.73 29.21 -13.89
CA LYS D 64 15.32 30.22 -14.77
C LYS D 64 16.34 29.67 -15.83
N GLN D 65 16.93 30.58 -16.61
CA GLN D 65 17.97 30.24 -17.61
C GLN D 65 19.12 31.23 -17.68
N PHE D 66 20.36 30.80 -17.39
CA PHE D 66 21.49 31.73 -17.57
C PHE D 66 22.79 31.14 -18.15
N GLU D 67 23.83 31.97 -18.22
CA GLU D 67 25.07 31.66 -18.91
C GLU D 67 26.28 32.20 -18.13
N LEU D 68 27.48 31.92 -18.60
CA LEU D 68 28.69 32.41 -17.93
C LEU D 68 28.90 33.92 -18.15
N ILE D 69 29.21 34.64 -17.06
CA ILE D 69 29.51 36.06 -17.19
C ILE D 69 30.91 36.35 -16.67
N ASP D 70 31.39 35.46 -15.79
CA ASP D 70 32.79 35.48 -15.34
C ASP D 70 33.41 34.14 -15.74
N ASN D 71 34.71 34.02 -15.61
CA ASN D 71 35.41 32.82 -16.06
C ASN D 71 36.15 32.16 -14.89
N GLU D 72 36.24 30.84 -14.91
CA GLU D 72 36.83 30.09 -13.79
C GLU D 72 38.23 29.57 -14.14
N PHE D 73 38.52 29.46 -15.44
CA PHE D 73 39.81 28.91 -15.89
C PHE D 73 40.82 30.00 -16.31
N THR D 74 40.30 31.17 -16.68
CA THR D 74 41.10 32.39 -16.83
C THR D 74 40.25 33.58 -16.38
N GLU D 75 40.45 33.97 -15.12
CA GLU D 75 39.73 35.08 -14.50
C GLU D 75 39.83 36.39 -15.29
N VAL D 76 38.70 37.09 -15.37
CA VAL D 76 38.55 38.30 -16.19
C VAL D 76 39.22 39.56 -15.60
N GLN D 78 40.18 42.18 -12.41
CA GLN D 78 39.80 41.98 -11.02
C GLN D 78 38.83 43.05 -10.49
N GLN D 79 38.89 44.24 -11.08
CA GLN D 79 38.02 45.36 -10.67
C GLN D 79 36.55 45.04 -10.99
N ILE D 80 36.33 44.48 -12.17
CA ILE D 80 35.00 44.08 -12.62
C ILE D 80 34.58 42.76 -11.94
N GLY D 81 35.56 41.98 -11.49
CA GLY D 81 35.30 40.66 -10.93
C GLY D 81 35.07 40.68 -9.44
N ASN D 82 35.45 41.78 -8.78
CA ASN D 82 35.16 41.95 -7.35
C ASN D 82 33.78 42.58 -7.15
N VAL D 83 33.15 42.97 -8.25
CA VAL D 83 31.79 43.47 -8.24
C VAL D 83 30.82 42.39 -8.78
N ILE D 84 31.23 41.65 -9.80
CA ILE D 84 30.47 40.46 -10.17
C ILE D 84 30.33 39.50 -8.98
N ASN D 85 31.40 39.26 -8.25
CA ASN D 85 31.34 38.32 -7.12
C ASN D 85 30.46 38.87 -6.01
N TRP D 86 30.54 40.17 -5.77
CA TRP D 86 29.74 40.85 -4.77
C TRP D 86 28.24 41.00 -5.19
N THR D 87 27.99 41.08 -6.48
CA THR D 87 26.61 41.19 -6.95
C THR D 87 25.95 39.82 -6.98
N ARG D 88 26.73 38.80 -7.29
CA ARG D 88 26.19 37.47 -7.29
C ARG D 88 25.86 37.09 -5.86
N ASP D 89 26.70 37.45 -4.90
CA ASP D 89 26.48 37.01 -3.53
C ASP D 89 25.25 37.73 -2.92
N SER D 90 24.95 38.91 -3.42
CA SER D 90 23.83 39.70 -2.94
C SER D 90 22.53 39.16 -3.50
N LEU D 91 22.53 38.70 -4.75
CA LEU D 91 21.32 38.17 -5.34
C LEU D 91 21.09 36.82 -4.74
N THR D 92 22.15 36.20 -4.29
CA THR D 92 22.02 34.90 -3.69
C THR D 92 21.39 34.97 -2.28
N GLU D 93 21.68 36.03 -1.54
CA GLU D 93 21.07 36.29 -0.25
C GLU D 93 19.61 36.61 -0.40
N ILE D 94 19.25 37.30 -1.46
CA ILE D 94 17.88 37.59 -1.74
C ILE D 94 17.11 36.32 -2.09
N TRP D 95 17.62 35.48 -2.98
CA TRP D 95 16.89 34.26 -3.32
C TRP D 95 16.83 33.25 -2.19
N SER D 96 17.87 33.20 -1.35
CA SER D 96 17.81 32.36 -0.18
C SER D 96 16.70 32.75 0.79
N TYR D 97 16.54 34.04 1.04
CA TYR D 97 15.48 34.57 1.84
C TYR D 97 14.16 34.19 1.17
N ASN D 98 14.03 34.48 -0.12
CA ASN D 98 12.83 34.13 -0.88
C ASN D 98 12.46 32.67 -0.81
N ALA D 99 13.43 31.75 -0.95
CA ALA D 99 13.13 30.30 -0.91
C ALA D 99 12.69 29.88 0.47
N GLU D 100 13.34 30.42 1.49
CA GLU D 100 13.05 29.99 2.83
C GLU D 100 11.64 30.47 3.20
N LEU D 101 11.25 31.62 2.67
CA LEU D 101 9.97 32.22 2.98
C LEU D 101 8.89 31.49 2.24
N LEU D 102 9.21 31.12 1.00
CA LEU D 102 8.28 30.39 0.14
C LEU D 102 7.94 29.03 0.71
N VAL D 103 8.91 28.36 1.31
CA VAL D 103 8.68 27.03 1.86
C VAL D 103 7.98 27.15 3.18
N ALA D 104 8.35 28.11 4.01
CA ALA D 104 7.60 28.33 5.25
C ALA D 104 6.14 28.65 4.94
N MET D 105 5.91 29.53 3.97
CA MET D 105 4.56 29.81 3.50
C MET D 105 3.83 28.58 3.06
N GLU D 106 4.42 27.75 2.19
CA GLU D 106 3.73 26.56 1.68
C GLU D 106 3.39 25.62 2.86
N ASN D 107 4.31 25.46 3.81
CA ASN D 107 4.08 24.65 5.00
C ASN D 107 2.93 25.12 5.89
N GLN D 108 2.76 26.43 5.98
CA GLN D 108 1.71 26.96 6.80
C GLN D 108 0.44 26.61 6.12
N HIS D 109 0.46 26.60 4.80
CA HIS D 109 -0.75 26.36 4.03
C HIS D 109 -1.26 24.88 4.09
N THR D 110 -0.33 23.93 4.09
CA THR D 110 -0.58 22.49 4.23
C THR D 110 -1.15 22.10 5.59
N ILE D 111 -0.48 22.50 6.66
CA ILE D 111 -0.96 22.33 8.01
C ILE D 111 -2.36 22.90 8.18
N ASP D 112 -2.62 24.09 7.64
CA ASP D 112 -3.93 24.73 7.73
C ASP D 112 -4.98 24.11 6.89
N LEU D 113 -4.67 23.79 5.65
CA LEU D 113 -5.65 23.17 4.77
C LEU D 113 -6.07 21.82 5.32
N ALA D 114 -5.16 21.15 6.02
CA ALA D 114 -5.48 19.86 6.60
C ALA D 114 -6.45 20.02 7.77
N ASP D 115 -6.19 20.97 8.68
CA ASP D 115 -7.13 21.30 9.74
C ASP D 115 -8.46 21.72 9.20
N SER D 116 -8.45 22.30 8.02
CA SER D 116 -9.68 22.80 7.44
C SER D 116 -10.55 21.63 6.97
N GLU D 117 -9.98 20.56 6.40
CA GLU D 117 -10.79 19.45 5.92
C GLU D 117 -11.31 18.63 7.09
N MET D 118 -10.61 18.65 8.22
CA MET D 118 -11.11 17.98 9.39
C MET D 118 -12.34 18.72 9.93
N ASN D 119 -12.25 20.04 10.06
CA ASN D 119 -13.39 20.83 10.49
C ASN D 119 -14.55 20.84 9.49
N LYS D 120 -14.25 20.92 8.19
CA LYS D 120 -15.27 20.82 7.15
C LYS D 120 -16.11 19.56 7.42
N LEU D 121 -15.44 18.45 7.67
CA LEU D 121 -16.08 17.16 7.76
C LEU D 121 -16.93 17.08 9.02
N TYR D 122 -16.39 17.48 10.15
CA TYR D 122 -17.08 17.49 11.42
C TYR D 122 -18.24 18.46 11.40
N GLU D 123 -18.16 19.50 10.60
CA GLU D 123 -19.27 20.43 10.57
C GLU D 123 -20.42 19.79 9.75
N ARG D 124 -20.09 19.10 8.68
CA ARG D 124 -21.13 18.38 7.95
C ARG D 124 -21.77 17.26 8.79
N VAL D 125 -21.03 16.56 9.64
CA VAL D 125 -21.71 15.56 10.44
C VAL D 125 -22.59 16.28 11.49
N ARG D 126 -22.08 17.32 12.15
CA ARG D 126 -22.92 18.04 13.11
C ARG D 126 -24.25 18.47 12.50
N ARG D 127 -24.21 19.07 11.32
CA ARG D 127 -25.43 19.59 10.74
C ARG D 127 -26.28 18.48 10.14
N GLN D 128 -25.66 17.32 9.91
CA GLN D 128 -26.35 16.12 9.45
C GLN D 128 -27.21 15.54 10.57
N LEU D 129 -26.61 15.33 11.75
CA LEU D 129 -27.27 14.73 12.91
C LEU D 129 -28.32 15.65 13.52
N ARG D 130 -28.28 16.93 13.18
CA ARG D 130 -29.27 17.84 13.68
C ARG D 130 -29.37 17.75 15.16
N GLU D 131 -30.56 17.36 15.59
CA GLU D 131 -31.00 17.42 16.99
C GLU D 131 -30.96 16.03 17.65
N ASN D 132 -30.61 15.03 16.84
CA ASN D 132 -30.48 13.65 17.29
C ASN D 132 -29.21 13.38 18.05
N ALA D 133 -28.31 14.35 18.14
CA ALA D 133 -26.99 14.11 18.74
C ALA D 133 -26.45 15.33 19.44
N GLU D 134 -25.43 15.13 20.25
CA GLU D 134 -24.80 16.23 20.98
C GLU D 134 -23.31 16.06 20.94
N GLU D 135 -22.61 17.20 20.87
CA GLU D 135 -21.16 17.25 20.84
C GLU D 135 -20.58 16.91 22.21
N ASP D 136 -19.59 16.03 22.25
CA ASP D 136 -18.99 15.62 23.49
C ASP D 136 -17.80 16.49 23.88
N GLY D 137 -17.24 17.28 22.94
CA GLY D 137 -16.07 18.12 23.24
C GLY D 137 -14.71 17.60 22.76
N THR D 138 -14.68 16.36 22.31
CA THR D 138 -13.43 15.75 21.90
C THR D 138 -13.43 15.42 20.42
N GLY D 139 -14.36 15.96 19.66
CA GLY D 139 -14.53 15.58 18.27
C GLY D 139 -15.59 14.52 18.02
N CYS D 140 -16.41 14.24 19.03
CA CYS D 140 -17.38 13.17 18.99
C CYS D 140 -18.79 13.65 19.19
N PHE D 141 -19.74 12.96 18.59
CA PHE D 141 -21.15 13.16 18.88
C PHE D 141 -21.70 12.01 19.72
N GLU D 142 -22.39 12.34 20.81
CA GLU D 142 -23.21 11.36 21.55
C GLU D 142 -24.59 11.27 20.91
N ILE D 143 -24.92 10.12 20.32
CA ILE D 143 -26.18 9.95 19.62
C ILE D 143 -27.29 9.45 20.56
N PHE D 144 -28.46 10.09 20.57
CA PHE D 144 -29.46 9.73 21.56
C PHE D 144 -30.53 8.77 21.04
N HIS D 145 -30.19 7.98 20.04
CA HIS D 145 -31.05 6.92 19.59
C HIS D 145 -30.17 5.66 19.39
N ARG D 146 -30.74 4.50 19.12
CA ARG D 146 -29.91 3.35 18.82
C ARG D 146 -29.42 3.53 17.44
N CYS D 147 -28.14 3.31 17.20
CA CYS D 147 -27.67 3.56 15.85
C CYS D 147 -26.76 2.36 15.50
N ASP D 148 -27.35 1.33 14.90
CA ASP D 148 -26.61 0.11 14.53
C ASP D 148 -25.60 0.34 13.38
N ASP D 149 -24.80 -0.66 13.02
CA ASP D 149 -23.73 -0.47 12.04
C ASP D 149 -24.24 0.10 10.71
N GLN D 150 -25.53 -0.05 10.43
CA GLN D 150 -26.07 0.35 9.13
C GLN D 150 -26.58 1.82 9.17
N CYS D 151 -26.84 2.33 10.36
CA CYS D 151 -27.19 3.75 10.51
C CYS D 151 -25.91 4.58 10.67
N MET D 152 -24.85 3.93 11.14
CA MET D 152 -23.52 4.48 11.12
C MET D 152 -23.00 4.71 9.70
N GLU D 153 -23.13 3.71 8.85
CA GLU D 153 -22.70 3.83 7.45
C GLU D 153 -23.55 4.90 6.82
N SER D 154 -24.72 5.07 7.36
CA SER D 154 -25.61 6.11 6.91
C SER D 154 -25.14 7.52 7.24
N ILE D 155 -24.45 7.68 8.37
CA ILE D 155 -23.94 8.97 8.77
C ILE D 155 -22.70 9.26 7.96
N ARG D 156 -21.87 8.24 7.81
CA ARG D 156 -20.67 8.29 6.98
C ARG D 156 -20.91 8.65 5.53
N ASN D 157 -21.83 7.97 4.88
CA ASN D 157 -21.97 8.09 3.44
C ASN D 157 -22.91 9.24 3.11
N ASN D 158 -23.32 9.95 4.16
CA ASN D 158 -24.11 11.18 4.05
C ASN D 158 -25.57 11.02 3.57
N THR D 159 -26.27 10.00 4.09
CA THR D 159 -27.70 9.77 3.80
C THR D 159 -28.56 9.50 5.06
N TYR D 160 -28.03 9.82 6.22
CA TYR D 160 -28.76 9.78 7.47
C TYR D 160 -29.96 10.73 7.42
N ASN D 161 -31.16 10.19 7.63
CA ASN D 161 -32.39 11.00 7.63
C ASN D 161 -32.77 11.24 9.05
N HIS D 162 -32.49 12.44 9.55
CA HIS D 162 -32.57 12.72 10.96
C HIS D 162 -34.00 12.65 11.50
N THR D 163 -35.00 12.75 10.59
CA THR D 163 -36.43 12.77 10.94
C THR D 163 -36.90 11.41 11.43
N GLU D 164 -36.22 10.39 10.92
CA GLU D 164 -36.55 9.02 11.21
C GLU D 164 -36.31 8.72 12.68
N TYR D 165 -35.33 9.37 13.29
CA TYR D 165 -34.97 9.11 14.69
C TYR D 165 -35.18 10.30 15.62
N ARG D 166 -35.85 11.34 15.14
CA ARG D 166 -35.94 12.58 15.91
C ARG D 166 -36.70 12.41 17.19
N GLN D 167 -37.91 11.84 17.11
CA GLN D 167 -38.75 11.66 18.30
C GLN D 167 -38.11 10.76 19.33
N GLU D 168 -37.42 9.73 18.89
CA GLU D 168 -36.71 8.84 19.80
C GLU D 168 -35.57 9.55 20.50
N ALA D 169 -34.75 10.29 19.76
CA ALA D 169 -33.63 11.04 20.32
C ALA D 169 -34.06 12.11 21.31
N LEU D 170 -35.09 12.87 20.96
CA LEU D 170 -35.66 13.88 21.84
C LEU D 170 -36.30 13.33 23.12
N GLN D 171 -36.80 12.10 23.12
CA GLN D 171 -37.25 11.62 24.42
C GLN D 171 -36.03 11.23 25.30
N ASN D 172 -34.97 10.67 24.69
CA ASN D 172 -33.75 10.36 25.42
C ASN D 172 -32.93 11.61 25.81
N ARG D 173 -33.04 12.67 25.02
CA ARG D 173 -32.31 13.90 25.29
C ARG D 173 -32.88 14.73 26.44
N ILE D 174 -34.17 15.01 26.37
CA ILE D 174 -34.87 15.77 27.41
C ILE D 174 -35.06 15.01 28.74
N MET D 175 -35.68 13.82 28.71
CA MET D 175 -35.83 13.04 29.97
C MET D 175 -34.56 12.25 30.34
#